data_7DSL
#
_entry.id   7DSL
#
_cell.length_a   1.00
_cell.length_b   1.00
_cell.length_c   1.00
_cell.angle_alpha   90.00
_cell.angle_beta   90.00
_cell.angle_gamma   90.00
#
_symmetry.space_group_name_H-M   'P 1'
#
loop_
_entity.id
_entity.type
_entity.pdbx_description
1 polymer '4F2 cell-surface antigen heavy chain'
2 polymer 'Large neutral amino acids transporter small subunit 1'
3 branched 2-acetamido-2-deoxy-beta-D-glucopyranose-(1-4)-2-acetamido-2-deoxy-beta-D-glucopyranose
4 non-polymer 1,2-DIACYL-GLYCEROL-3-SN-PHOSPHATE
5 non-polymer '(2~{S})-2-azanyl-7-[(2-phenylphenyl)methoxy]-3,4-dihydro-1~{H}-naphthalene-2-carboxylic acid'
6 non-polymer 'CHOLESTEROL HEMISUCCINATE'
7 water water
#
loop_
_entity_poly.entity_id
_entity_poly.type
_entity_poly.pdbx_seq_one_letter_code
_entity_poly.pdbx_strand_id
1 'polypeptide(L)'
;MAHHHHHHHHHHSGRELQPPEASIAVVSIPRQLPGSHSEAGVQGLSAGDDSETGSDCVTQAGLQLLASSDPPALASKNAE
VTVETGFHHVSQADIEFLTSIDPTASASGSAGITGTMSQDTEVDMKEVELNELEPEKQPMNAASGAAMSLAGAEKNGLVK
IKVAEDEAEAAAAAKFTGLSKEELLKVAGSPGWVRTRWALLLLFWLGWLGMLAGAVVIIVRAPRCRELPAQKWWHTGALY
RIGDLQAFQGHGAGNLAGLKGRLDYLSSLKVKGLVLGPIHKNQKDDVAQTDLLQIDPNFGSKEDFDSLLQSAKKKSIRVI
LDLTPNYRGENSWFSTQVDTVATKVKDALEFWLQAGVDGFQVRDIENLKDASSFLAEWQNITKGFSEDRLLIAGTNSSDL
QQILSLLESNKDLLLTSSYLSDSGSTGEHTKSLVTQYLNATGNRWCSWSLSQARLLTSFLPAQLLRLYQLMLFTLPGTPV
FSYGDEIGLDAAALPGQPMEAPVMLWDESSFPDIPGAVSANMTVKGQSEDPGSLLSLFRRLSDQRSKERSLLHGDFHAFS
AGPGLFSYIRHWDQNERFLVVLNFGDVGLSAGLQASDLPASASLPAKADLLLSTQPGREEGSPLELERLKLEPHEGLLLR
FPYAALE
;
A
2 'polypeptide(L)'
;MADYKDDDDKSGPDEVDASGRAGAGPKRRALAAPAAEEKEEAREKMLAAKSADGSAPAGEGEGVTLQRNITLLNGVAIIV
GTIIGSGIFVTPTGVLKEAGSPGLALVVWAACGVFSIVGALCYAELGTTISKSGGDYAYMLEVYGSLPAFLKLWIELLII
RPSSQYIVALVFATYLLKPLFPTCPVPEEAAKLVACLCVLLLTAVNCYSVKAATRVQDAFAAAKLLALALIILLGFVQIG
KGDVSNLDPNFSFEGTKLDVGNIVLALYSGLFAYGGWNYLNFVTEEMINPYRNLPLAIIISLPIVTLVYVLTNLAYFTTL
STEQMLSSEAVAVDFGNYHLGVMSWIIPVFVGLSCFGSVNGSLFTSSRLFFVGSREGHLPSILSMIHPQLLTPVPSLVFT
CVMTLLYAFSKDIFSVINFFSFFNWLCVALAIIGMIWLRHRKPELERPIKVNLALPVFFILACLFLIAVSFWKTPVECGI
GFTIILSGLPVYFFGVWWKNKPKWLLQGIFSTTVLCQKLMQVVPQET
;
B
#
loop_
_chem_comp.id
_chem_comp.type
_chem_comp.name
_chem_comp.formula
3PH non-polymer 1,2-DIACYL-GLYCEROL-3-SN-PHOSPHATE 'C39 H77 O8 P'
HO0 non-polymer '(2~{S})-2-azanyl-7-[(2-phenylphenyl)methoxy]-3,4-dihydro-1~{H}-naphthalene-2-carboxylic acid' 'C24 H23 N O3'
NAG D-saccharide, beta linking 2-acetamido-2-deoxy-beta-D-glucopyranose 'C8 H15 N O6'
Y01 non-polymer 'CHOLESTEROL HEMISUCCINATE' 'C31 H50 O4'
#
# COMPACT_ATOMS: atom_id res chain seq x y z
N LYS A 175 34.21 -34.44 -23.78
CA LYS A 175 33.36 -35.47 -24.36
C LYS A 175 32.78 -35.01 -25.67
N PHE A 176 31.86 -34.05 -25.60
CA PHE A 176 31.11 -33.65 -26.78
C PHE A 176 31.79 -32.54 -27.56
N THR A 177 32.24 -31.49 -26.90
CA THR A 177 32.89 -30.40 -27.60
C THR A 177 34.12 -30.00 -26.80
N GLY A 178 34.61 -30.89 -25.96
CA GLY A 178 35.77 -30.61 -25.11
C GLY A 178 36.49 -31.84 -24.66
N LEU A 179 37.42 -31.65 -23.74
CA LEU A 179 38.32 -32.69 -23.24
C LEU A 179 37.57 -33.62 -22.30
N SER A 180 38.23 -34.72 -21.97
CA SER A 180 37.72 -35.68 -21.02
C SER A 180 38.45 -35.54 -19.69
N LYS A 181 38.21 -36.49 -18.80
CA LYS A 181 38.66 -36.46 -17.42
C LYS A 181 40.17 -36.42 -17.28
N GLU A 182 40.83 -37.49 -17.73
CA GLU A 182 42.24 -37.72 -17.40
C GLU A 182 43.14 -36.82 -18.22
N GLU A 183 42.70 -36.45 -19.43
CA GLU A 183 43.45 -35.54 -20.27
C GLU A 183 43.52 -34.14 -19.66
N LEU A 184 42.39 -33.67 -19.12
CA LEU A 184 42.38 -32.38 -18.45
C LEU A 184 43.15 -32.43 -17.15
N LEU A 185 42.98 -33.52 -16.38
CA LEU A 185 43.69 -33.65 -15.11
C LEU A 185 45.19 -33.79 -15.31
N LYS A 186 45.59 -34.24 -16.50
CA LYS A 186 46.96 -34.12 -16.95
C LYS A 186 47.33 -32.66 -17.19
N VAL A 187 46.59 -31.97 -18.07
CA VAL A 187 47.06 -30.66 -18.52
C VAL A 187 46.70 -29.56 -17.52
N ALA A 188 45.53 -29.63 -16.89
CA ALA A 188 45.12 -28.57 -15.98
C ALA A 188 45.47 -28.92 -14.54
N GLY A 189 46.74 -29.18 -14.29
CA GLY A 189 47.19 -29.46 -12.95
C GLY A 189 48.57 -28.88 -12.75
N SER A 190 49.07 -28.22 -13.78
CA SER A 190 50.39 -27.63 -13.78
C SER A 190 50.41 -26.41 -12.87
N PRO A 191 51.58 -26.06 -12.33
CA PRO A 191 51.69 -24.78 -11.62
C PRO A 191 51.48 -23.62 -12.57
N GLY A 192 51.01 -22.49 -12.07
CA GLY A 192 50.54 -21.45 -12.96
C GLY A 192 49.05 -21.55 -13.16
N TRP A 193 48.52 -22.73 -13.46
CA TRP A 193 47.07 -22.88 -13.53
C TRP A 193 46.47 -22.88 -12.13
N VAL A 194 47.15 -23.52 -11.19
CA VAL A 194 46.73 -23.46 -9.79
C VAL A 194 46.84 -22.04 -9.25
N ARG A 195 47.88 -21.32 -9.69
CA ARG A 195 48.04 -19.92 -9.30
C ARG A 195 46.93 -19.07 -9.87
N THR A 196 46.52 -19.36 -11.11
CA THR A 196 45.45 -18.59 -11.73
C THR A 196 44.12 -18.85 -11.03
N ARG A 197 43.90 -20.08 -10.61
CA ARG A 197 42.66 -20.40 -9.91
C ARG A 197 42.59 -19.74 -8.54
N TRP A 198 43.69 -19.79 -7.78
CA TRP A 198 43.67 -19.14 -6.47
C TRP A 198 43.62 -17.62 -6.59
N ALA A 199 44.22 -17.06 -7.65
CA ALA A 199 44.14 -15.63 -7.86
C ALA A 199 42.73 -15.20 -8.23
N LEU A 200 42.03 -16.01 -9.01
CA LEU A 200 40.66 -15.65 -9.37
C LEU A 200 39.72 -15.80 -8.16
N LEU A 201 39.98 -16.78 -7.30
CA LEU A 201 39.17 -16.91 -6.10
C LEU A 201 39.38 -15.73 -5.16
N LEU A 202 40.63 -15.29 -4.99
CA LEU A 202 40.90 -14.13 -4.14
C LEU A 202 40.32 -12.86 -4.74
N LEU A 203 40.35 -12.73 -6.07
CA LEU A 203 39.77 -11.59 -6.73
C LEU A 203 38.25 -11.53 -6.53
N PHE A 204 37.59 -12.69 -6.58
CA PHE A 204 36.15 -12.74 -6.31
C PHE A 204 35.83 -12.31 -4.90
N TRP A 205 36.54 -12.86 -3.92
CA TRP A 205 36.20 -12.50 -2.55
C TRP A 205 36.66 -11.10 -2.17
N LEU A 206 37.51 -10.46 -2.97
CA LEU A 206 37.80 -9.06 -2.70
C LEU A 206 36.75 -8.14 -3.34
N GLY A 207 36.29 -8.50 -4.55
CA GLY A 207 35.24 -7.70 -5.18
C GLY A 207 33.94 -7.75 -4.41
N TRP A 208 33.66 -8.88 -3.76
CA TRP A 208 32.47 -8.98 -2.92
C TRP A 208 32.53 -8.04 -1.73
N LEU A 209 33.68 -7.98 -1.06
CA LEU A 209 33.83 -7.06 0.07
C LEU A 209 33.84 -5.61 -0.38
N GLY A 210 34.32 -5.37 -1.59
CA GLY A 210 34.25 -4.02 -2.14
C GLY A 210 32.81 -3.58 -2.37
N MET A 211 31.97 -4.48 -2.86
CA MET A 211 30.56 -4.15 -3.03
C MET A 211 29.87 -3.95 -1.68
N LEU A 212 30.25 -4.73 -0.68
CA LEU A 212 29.68 -4.56 0.65
C LEU A 212 30.04 -3.22 1.26
N ALA A 213 31.31 -2.82 1.13
CA ALA A 213 31.72 -1.52 1.64
C ALA A 213 31.07 -0.38 0.89
N GLY A 214 30.86 -0.57 -0.42
CA GLY A 214 30.15 0.45 -1.18
C GLY A 214 28.72 0.63 -0.73
N ALA A 215 28.05 -0.48 -0.40
CA ALA A 215 26.69 -0.39 0.11
C ALA A 215 26.65 0.30 1.46
N VAL A 216 27.64 0.04 2.32
CA VAL A 216 27.65 0.66 3.65
C VAL A 216 27.90 2.16 3.53
N VAL A 217 28.81 2.59 2.66
CA VAL A 217 29.09 4.02 2.56
C VAL A 217 27.99 4.73 1.78
N ILE A 218 27.17 3.99 1.03
CA ILE A 218 26.00 4.65 0.46
C ILE A 218 24.95 4.85 1.55
N ILE A 219 24.78 3.86 2.43
CA ILE A 219 23.77 3.94 3.48
C ILE A 219 24.10 5.04 4.49
N VAL A 220 25.34 5.12 4.98
CA VAL A 220 25.63 6.12 6.01
C VAL A 220 25.78 7.53 5.46
N ARG A 221 25.83 7.70 4.16
CA ARG A 221 25.85 9.03 3.57
C ARG A 221 24.47 9.46 3.10
N ALA A 222 23.43 8.80 3.60
CA ALA A 222 22.08 9.14 3.20
C ALA A 222 21.43 10.00 4.27
N PRO A 223 20.51 10.89 3.90
CA PRO A 223 19.80 11.67 4.91
C PRO A 223 18.83 10.83 5.69
N ARG A 224 18.82 11.01 7.00
CA ARG A 224 17.82 10.37 7.86
C ARG A 224 16.50 11.08 7.66
N CYS A 225 15.43 10.45 8.13
CA CYS A 225 14.09 11.03 8.05
C CYS A 225 13.69 11.62 9.41
N ARG A 226 12.73 12.54 9.38
CA ARG A 226 12.24 13.21 10.58
C ARG A 226 11.29 12.31 11.34
N GLU A 227 11.24 12.51 12.65
CA GLU A 227 10.29 11.81 13.49
C GLU A 227 8.92 12.42 13.28
N LEU A 228 7.90 11.58 13.17
CA LEU A 228 6.52 12.00 13.04
C LEU A 228 6.08 12.70 14.33
N PRO A 229 5.26 13.73 14.24
CA PRO A 229 5.04 14.62 15.40
C PRO A 229 4.02 14.12 16.41
N ALA A 230 3.68 12.82 16.41
CA ALA A 230 2.81 12.18 17.40
C ALA A 230 1.43 12.81 17.46
N GLN A 231 0.66 12.67 16.39
CA GLN A 231 -0.55 13.43 16.20
C GLN A 231 -1.68 12.95 17.08
N LYS A 232 -2.65 13.83 17.28
CA LYS A 232 -3.88 13.56 18.00
C LYS A 232 -4.99 13.29 17.00
N TRP A 233 -6.19 13.04 17.50
CA TRP A 233 -7.27 12.71 16.58
C TRP A 233 -7.85 13.92 15.89
N TRP A 234 -7.78 15.10 16.51
CA TRP A 234 -8.29 16.30 15.88
C TRP A 234 -7.27 16.98 15.00
N HIS A 235 -6.16 16.32 14.72
CA HIS A 235 -5.23 16.77 13.71
C HIS A 235 -5.49 16.11 12.37
N THR A 236 -6.42 15.17 12.31
CA THR A 236 -6.51 14.26 11.19
C THR A 236 -7.42 14.77 10.09
N GLY A 237 -8.56 15.32 10.42
CA GLY A 237 -9.47 15.86 9.42
C GLY A 237 -10.21 17.05 9.95
N ALA A 238 -11.48 17.15 9.57
CA ALA A 238 -12.30 18.32 9.88
C ALA A 238 -13.29 18.02 10.99
N LEU A 239 -13.78 19.09 11.59
CA LEU A 239 -14.85 19.01 12.58
C LEU A 239 -16.13 19.55 11.97
N TYR A 240 -17.25 19.10 12.50
CA TYR A 240 -18.57 19.37 11.96
C TYR A 240 -19.48 19.84 13.07
N ARG A 241 -19.95 21.07 12.98
CA ARG A 241 -20.73 21.67 14.05
C ARG A 241 -22.21 21.52 13.74
N ILE A 242 -22.94 20.90 14.67
CA ILE A 242 -24.39 20.76 14.52
C ILE A 242 -25.03 21.58 15.62
N GLY A 243 -25.43 22.81 15.27
CA GLY A 243 -25.96 23.72 16.25
C GLY A 243 -27.33 23.32 16.73
N ASP A 244 -28.33 23.33 15.85
CA ASP A 244 -29.69 22.94 16.21
C ASP A 244 -29.95 21.52 15.76
N LEU A 245 -30.35 20.69 16.69
CA LEU A 245 -30.59 19.27 16.41
C LEU A 245 -31.90 19.08 15.68
N GLN A 246 -32.90 19.88 16.02
CA GLN A 246 -34.25 19.72 15.50
C GLN A 246 -34.31 20.14 14.04
N ALA A 247 -33.41 21.00 13.62
CA ALA A 247 -33.36 21.43 12.23
C ALA A 247 -32.38 20.63 11.39
N PHE A 248 -31.65 19.69 11.96
CA PHE A 248 -30.75 18.87 11.16
C PHE A 248 -31.49 17.73 10.48
N GLN A 249 -32.42 17.09 11.19
CA GLN A 249 -33.22 16.03 10.58
C GLN A 249 -34.56 16.56 10.08
N GLY A 250 -35.32 17.18 10.95
CA GLY A 250 -36.62 17.68 10.59
C GLY A 250 -37.54 17.65 11.79
N HIS A 251 -38.83 17.84 11.53
CA HIS A 251 -39.82 17.93 12.59
C HIS A 251 -40.18 16.55 13.11
N GLY A 252 -40.44 16.49 14.41
CA GLY A 252 -40.74 15.22 15.06
C GLY A 252 -39.54 14.38 15.42
N ALA A 253 -38.76 13.99 14.42
CA ALA A 253 -37.56 13.18 14.64
C ALA A 253 -36.34 14.07 14.90
N GLY A 254 -36.47 14.97 15.86
CA GLY A 254 -35.37 15.83 16.23
C GLY A 254 -34.77 15.43 17.56
N ASN A 255 -34.69 14.12 17.78
CA ASN A 255 -34.18 13.56 19.01
C ASN A 255 -32.77 13.05 18.78
N LEU A 256 -32.11 12.67 19.87
CA LEU A 256 -30.77 12.13 19.78
C LEU A 256 -30.75 10.74 19.17
N ALA A 257 -31.88 10.04 19.20
CA ALA A 257 -31.94 8.73 18.57
C ALA A 257 -31.99 8.85 17.05
N GLY A 258 -32.62 9.91 16.56
CA GLY A 258 -32.73 10.12 15.13
C GLY A 258 -31.40 10.50 14.50
N LEU A 259 -30.49 11.04 15.33
CA LEU A 259 -29.17 11.41 14.86
C LEU A 259 -28.33 10.20 14.53
N LYS A 260 -28.65 9.06 15.15
CA LYS A 260 -27.92 7.82 14.94
C LYS A 260 -28.07 7.28 13.53
N GLY A 261 -29.12 7.68 12.82
CA GLY A 261 -29.31 7.26 11.45
C GLY A 261 -28.57 8.09 10.43
N ARG A 262 -27.83 9.11 10.85
CA ARG A 262 -27.14 9.99 9.93
C ARG A 262 -25.63 9.79 9.94
N LEU A 263 -25.10 8.89 10.76
CA LEU A 263 -23.67 8.70 10.88
C LEU A 263 -23.04 8.11 9.62
N ASP A 264 -23.84 7.46 8.78
CA ASP A 264 -23.34 7.00 7.50
C ASP A 264 -23.07 8.15 6.53
N TYR A 265 -23.78 9.26 6.67
CA TYR A 265 -23.53 10.44 5.86
C TYR A 265 -22.32 11.21 6.36
N LEU A 266 -22.19 11.35 7.67
CA LEU A 266 -21.02 11.96 8.26
C LEU A 266 -19.77 11.12 8.01
N SER A 267 -19.90 9.81 7.91
CA SER A 267 -18.79 8.98 7.50
C SER A 267 -18.46 9.12 6.03
N SER A 268 -19.44 9.47 5.20
CA SER A 268 -19.17 9.85 3.83
C SER A 268 -18.44 11.17 3.72
N LEU A 269 -18.67 12.08 4.66
CA LEU A 269 -17.96 13.36 4.62
C LEU A 269 -16.54 13.25 5.14
N LYS A 270 -16.21 12.14 5.79
CA LYS A 270 -14.91 11.85 6.40
C LYS A 270 -14.54 12.88 7.45
N VAL A 271 -15.53 13.39 8.18
CA VAL A 271 -15.23 14.25 9.31
C VAL A 271 -14.73 13.38 10.44
N LYS A 272 -13.94 13.96 11.33
CA LYS A 272 -13.40 13.20 12.45
C LYS A 272 -14.03 13.59 13.76
N GLY A 273 -14.87 14.61 13.78
CA GLY A 273 -15.43 15.09 15.01
C GLY A 273 -16.83 15.59 14.78
N LEU A 274 -17.51 15.89 15.89
CA LEU A 274 -18.92 16.23 15.84
C LEU A 274 -19.22 17.07 17.06
N VAL A 275 -19.44 18.37 16.87
CA VAL A 275 -19.74 19.26 17.97
C VAL A 275 -21.26 19.32 18.11
N LEU A 276 -21.82 18.52 19.01
CA LEU A 276 -23.25 18.54 19.24
C LEU A 276 -23.62 19.82 19.96
N GLY A 277 -24.82 20.33 19.68
CA GLY A 277 -25.28 21.55 20.28
C GLY A 277 -25.57 21.37 21.75
N PRO A 278 -25.83 22.46 22.45
CA PRO A 278 -26.12 22.35 23.88
C PRO A 278 -27.45 21.67 24.11
N ILE A 279 -27.41 20.58 24.87
CA ILE A 279 -28.59 19.75 25.07
C ILE A 279 -29.11 19.77 26.49
N HIS A 280 -28.49 20.49 27.42
CA HIS A 280 -28.85 20.38 28.82
C HIS A 280 -30.11 21.17 29.15
N LYS A 281 -30.59 21.02 30.39
CA LYS A 281 -31.86 21.60 30.79
C LYS A 281 -31.65 23.07 31.19
N ASN A 282 -32.01 23.96 30.29
CA ASN A 282 -31.86 25.40 30.51
C ASN A 282 -33.22 26.07 30.33
N GLN A 283 -33.70 26.72 31.40
CA GLN A 283 -35.01 27.35 31.33
C GLN A 283 -34.94 28.68 30.60
N LYS A 284 -34.36 29.67 31.27
CA LYS A 284 -34.12 31.01 30.75
C LYS A 284 -33.12 31.63 31.73
N ASP A 285 -33.08 32.96 31.80
CA ASP A 285 -32.14 33.71 32.64
C ASP A 285 -32.16 33.37 34.14
N ASP A 286 -33.13 32.57 34.58
CA ASP A 286 -33.10 31.93 35.90
C ASP A 286 -31.88 31.01 35.93
N VAL A 287 -30.92 31.37 36.78
CA VAL A 287 -29.74 30.56 36.96
C VAL A 287 -30.07 29.27 37.71
N ALA A 288 -30.96 29.35 38.69
CA ALA A 288 -31.23 28.25 39.60
C ALA A 288 -31.92 27.07 38.94
N GLN A 289 -32.65 27.29 37.86
CA GLN A 289 -33.30 26.21 37.11
C GLN A 289 -32.50 25.81 35.89
N THR A 290 -31.17 25.95 35.94
CA THR A 290 -30.28 25.52 34.87
C THR A 290 -29.36 24.47 35.42
N ASP A 291 -29.46 23.25 34.90
CA ASP A 291 -28.68 22.13 35.36
C ASP A 291 -27.91 21.59 34.18
N LEU A 292 -26.59 21.58 34.27
CA LEU A 292 -25.76 21.13 33.17
C LEU A 292 -25.54 19.62 33.19
N LEU A 293 -26.15 18.91 34.13
CA LEU A 293 -25.99 17.46 34.24
C LEU A 293 -27.22 16.70 33.77
N GLN A 294 -28.30 17.42 33.42
CA GLN A 294 -29.55 16.78 33.04
C GLN A 294 -29.86 17.14 31.59
N ILE A 295 -30.09 16.14 30.76
CA ILE A 295 -30.46 16.36 29.38
C ILE A 295 -31.91 16.81 29.32
N ASP A 296 -32.18 17.80 28.50
CA ASP A 296 -33.55 18.28 28.30
C ASP A 296 -34.39 17.16 27.67
N PRO A 297 -35.65 16.99 28.08
CA PRO A 297 -36.44 15.86 27.57
C PRO A 297 -36.80 15.95 26.11
N ASN A 298 -36.63 17.11 25.48
CA ASN A 298 -36.96 17.26 24.06
C ASN A 298 -35.96 16.56 23.15
N PHE A 299 -34.81 16.15 23.66
CA PHE A 299 -33.81 15.45 22.85
C PHE A 299 -33.73 13.97 23.18
N GLY A 300 -34.14 13.57 24.36
CA GLY A 300 -34.14 12.17 24.76
C GLY A 300 -33.79 12.07 26.23
N SER A 301 -33.09 11.00 26.57
CA SER A 301 -32.50 10.89 27.90
C SER A 301 -31.10 10.30 27.74
N LYS A 302 -30.51 9.94 28.88
CA LYS A 302 -29.10 9.56 28.93
C LYS A 302 -28.80 8.29 28.16
N GLU A 303 -29.78 7.38 28.08
CA GLU A 303 -29.56 6.10 27.45
C GLU A 303 -29.45 6.26 25.94
N ASP A 304 -30.23 7.17 25.36
CA ASP A 304 -30.10 7.51 23.95
C ASP A 304 -28.74 8.13 23.67
N PHE A 305 -28.25 8.96 24.59
CA PHE A 305 -26.97 9.63 24.41
C PHE A 305 -25.81 8.64 24.45
N ASP A 306 -25.80 7.74 25.43
CA ASP A 306 -24.71 6.79 25.48
C ASP A 306 -24.86 5.67 24.46
N SER A 307 -26.04 5.49 23.88
CA SER A 307 -26.11 4.64 22.70
C SER A 307 -25.49 5.33 21.51
N LEU A 308 -25.77 6.64 21.36
CA LEU A 308 -25.20 7.43 20.28
C LEU A 308 -23.69 7.48 20.34
N LEU A 309 -23.14 7.54 21.55
CA LEU A 309 -21.70 7.62 21.75
C LEU A 309 -20.98 6.41 21.22
N GLN A 310 -21.42 5.20 21.60
CA GLN A 310 -20.74 4.01 21.11
C GLN A 310 -21.10 3.71 19.66
N SER A 311 -22.28 4.14 19.22
CA SER A 311 -22.63 3.99 17.81
C SER A 311 -21.72 4.85 16.94
N ALA A 312 -21.31 6.01 17.44
CA ALA A 312 -20.38 6.86 16.73
C ALA A 312 -18.96 6.31 16.86
N LYS A 313 -18.65 5.73 18.02
CA LYS A 313 -17.33 5.16 18.30
C LYS A 313 -17.00 4.02 17.35
N LYS A 314 -17.99 3.18 17.05
CA LYS A 314 -17.78 2.13 16.08
C LYS A 314 -17.61 2.63 14.66
N LYS A 315 -18.02 3.87 14.36
CA LYS A 315 -17.79 4.46 13.06
C LYS A 315 -16.57 5.37 13.04
N SER A 316 -15.77 5.39 14.11
CA SER A 316 -14.57 6.20 14.30
C SER A 316 -14.86 7.69 14.16
N ILE A 317 -15.85 8.17 14.89
CA ILE A 317 -16.24 9.58 14.90
C ILE A 317 -16.33 10.02 16.34
N ARG A 318 -15.57 11.05 16.71
CA ARG A 318 -15.57 11.52 18.08
C ARG A 318 -16.66 12.56 18.28
N VAL A 319 -17.14 12.65 19.50
CA VAL A 319 -18.28 13.50 19.84
C VAL A 319 -17.82 14.55 20.84
N ILE A 320 -18.01 15.81 20.49
CA ILE A 320 -17.68 16.95 21.35
C ILE A 320 -18.99 17.59 21.79
N LEU A 321 -19.10 17.91 23.07
CA LEU A 321 -20.35 18.37 23.64
C LEU A 321 -20.26 19.84 23.99
N ASP A 322 -21.06 20.67 23.34
CA ASP A 322 -21.13 22.08 23.69
C ASP A 322 -21.75 22.26 25.07
N LEU A 323 -21.29 23.26 25.80
CA LEU A 323 -21.67 23.44 27.19
C LEU A 323 -21.91 24.89 27.57
N THR A 324 -22.28 25.72 26.60
CA THR A 324 -22.62 27.10 26.91
C THR A 324 -23.92 27.14 27.70
N PRO A 325 -23.93 27.70 28.90
CA PRO A 325 -25.06 27.50 29.82
C PRO A 325 -26.38 28.13 29.38
N ASN A 326 -26.39 29.43 29.08
CA ASN A 326 -27.61 30.12 28.73
C ASN A 326 -27.74 30.19 27.21
N TYR A 327 -28.05 29.05 26.62
CA TYR A 327 -28.08 28.97 25.16
C TYR A 327 -29.47 29.26 24.61
N ARG A 328 -30.35 29.75 25.44
CA ARG A 328 -31.65 30.19 24.97
C ARG A 328 -31.88 31.67 25.17
N GLY A 329 -31.18 32.28 26.12
CA GLY A 329 -31.32 33.70 26.38
C GLY A 329 -30.46 34.54 25.45
N GLU A 330 -30.35 35.82 25.80
CA GLU A 330 -29.55 36.75 25.02
C GLU A 330 -28.07 36.66 25.41
N ASN A 331 -27.76 36.96 26.66
CA ASN A 331 -26.40 36.81 27.18
C ASN A 331 -26.15 35.34 27.48
N SER A 332 -25.14 34.77 26.83
CA SER A 332 -24.96 33.32 26.88
C SER A 332 -24.38 32.86 28.21
N TRP A 333 -23.80 33.76 28.99
CA TRP A 333 -23.15 33.40 30.23
C TRP A 333 -23.84 34.00 31.44
N PHE A 334 -25.17 34.12 31.41
CA PHE A 334 -25.98 34.42 32.59
C PHE A 334 -25.65 35.75 33.25
N SER A 335 -26.20 36.83 32.71
CA SER A 335 -25.95 38.16 33.27
C SER A 335 -25.39 38.08 34.68
N THR A 336 -26.11 37.37 35.56
CA THR A 336 -25.69 37.20 36.94
C THR A 336 -24.22 36.83 37.03
N GLN A 337 -23.65 36.94 38.23
CA GLN A 337 -22.26 36.61 38.46
C GLN A 337 -21.88 35.29 37.79
N VAL A 338 -20.64 35.21 37.30
CA VAL A 338 -20.17 34.00 36.64
C VAL A 338 -19.67 32.97 37.64
N ASP A 339 -19.45 33.41 38.87
CA ASP A 339 -18.98 32.54 39.93
C ASP A 339 -19.77 31.22 39.95
N THR A 340 -21.03 31.30 40.37
CA THR A 340 -21.89 30.13 40.42
C THR A 340 -21.94 29.42 39.08
N VAL A 341 -22.04 30.20 38.01
CA VAL A 341 -22.03 29.70 36.64
C VAL A 341 -20.73 28.97 36.36
N ALA A 342 -19.63 29.61 36.68
CA ALA A 342 -18.34 29.03 36.33
C ALA A 342 -17.97 27.86 37.24
N THR A 343 -18.58 27.78 38.42
CA THR A 343 -18.32 26.60 39.23
C THR A 343 -19.26 25.45 38.93
N LYS A 344 -20.39 25.71 38.27
CA LYS A 344 -21.16 24.57 37.79
C LYS A 344 -20.63 24.03 36.47
N VAL A 345 -20.00 24.88 35.65
CA VAL A 345 -19.32 24.39 34.46
C VAL A 345 -18.16 23.48 34.82
N LYS A 346 -17.43 23.79 35.89
CA LYS A 346 -16.36 22.96 36.40
C LYS A 346 -16.84 21.59 36.84
N ASP A 347 -18.00 21.51 37.49
CA ASP A 347 -18.53 20.21 37.88
C ASP A 347 -19.11 19.45 36.71
N ALA A 348 -19.52 20.13 35.64
CA ALA A 348 -20.06 19.45 34.47
C ALA A 348 -19.01 18.62 33.73
N LEU A 349 -17.77 19.08 33.71
CA LEU A 349 -16.74 18.41 32.92
C LEU A 349 -16.40 17.05 33.48
N GLU A 350 -16.22 16.96 34.80
CA GLU A 350 -15.87 15.70 35.44
C GLU A 350 -17.02 14.71 35.47
N PHE A 351 -18.24 15.14 35.14
CA PHE A 351 -19.37 14.25 34.94
C PHE A 351 -19.43 13.75 33.52
N TRP A 352 -19.42 14.66 32.55
CA TRP A 352 -19.58 14.25 31.16
C TRP A 352 -18.35 13.56 30.61
N LEU A 353 -17.20 13.71 31.26
CA LEU A 353 -16.00 13.02 30.79
C LEU A 353 -16.07 11.54 31.07
N GLN A 354 -16.46 11.16 32.30
CA GLN A 354 -16.58 9.76 32.61
C GLN A 354 -17.91 9.21 32.13
N ALA A 355 -18.83 10.07 31.70
CA ALA A 355 -19.91 9.60 30.85
C ALA A 355 -19.39 9.10 29.51
N GLY A 356 -18.31 9.69 29.01
CA GLY A 356 -17.60 9.13 27.89
C GLY A 356 -17.37 10.02 26.69
N VAL A 357 -17.59 11.32 26.83
CA VAL A 357 -17.46 12.23 25.69
C VAL A 357 -15.98 12.49 25.42
N ASP A 358 -15.68 13.10 24.28
CA ASP A 358 -14.31 13.28 23.86
C ASP A 358 -13.84 14.73 23.92
N GLY A 359 -14.67 15.65 24.36
CA GLY A 359 -14.26 17.03 24.37
C GLY A 359 -15.40 17.93 24.75
N PHE A 360 -15.11 19.23 24.76
CA PHE A 360 -16.10 20.24 25.09
C PHE A 360 -15.91 21.45 24.21
N GLN A 361 -16.94 22.28 24.14
CA GLN A 361 -16.87 23.56 23.47
C GLN A 361 -17.66 24.58 24.25
N VAL A 362 -17.03 25.70 24.59
CA VAL A 362 -17.73 26.83 25.17
C VAL A 362 -17.70 27.96 24.16
N ARG A 363 -18.84 28.58 23.92
CA ARG A 363 -18.92 29.68 22.98
C ARG A 363 -19.15 30.98 23.72
N ASP A 364 -18.95 32.08 22.99
CA ASP A 364 -19.26 33.44 23.41
C ASP A 364 -18.54 33.82 24.70
N ILE A 365 -17.23 33.55 24.72
CA ILE A 365 -16.45 33.83 25.92
C ILE A 365 -15.99 35.26 26.00
N GLU A 366 -16.44 36.12 25.09
CA GLU A 366 -16.23 37.55 25.28
C GLU A 366 -17.20 38.13 26.30
N ASN A 367 -18.29 37.42 26.60
CA ASN A 367 -19.21 37.80 27.67
C ASN A 367 -18.88 37.12 28.98
N LEU A 368 -17.66 36.62 29.13
CA LEU A 368 -17.23 35.95 30.34
C LEU A 368 -16.16 36.82 30.99
N LYS A 369 -16.42 37.32 32.18
CA LYS A 369 -15.43 38.15 32.85
C LYS A 369 -14.30 37.28 33.38
N ASP A 370 -13.08 37.81 33.32
CA ASP A 370 -11.78 37.15 33.48
C ASP A 370 -11.77 35.75 32.84
N ALA A 371 -12.04 35.75 31.54
CA ALA A 371 -12.21 34.49 30.80
C ALA A 371 -10.88 33.78 30.60
N SER A 372 -9.79 34.52 30.56
CA SER A 372 -8.47 33.96 30.31
C SER A 372 -8.03 33.10 31.48
N SER A 373 -8.52 33.40 32.67
CA SER A 373 -8.21 32.61 33.85
C SER A 373 -9.08 31.39 34.00
N PHE A 374 -10.32 31.45 33.51
CA PHE A 374 -11.21 30.30 33.63
C PHE A 374 -10.90 29.24 32.60
N LEU A 375 -10.37 29.62 31.46
CA LEU A 375 -10.10 28.63 30.42
C LEU A 375 -8.92 27.75 30.80
N ALA A 376 -7.96 28.28 31.56
CA ALA A 376 -6.80 27.50 31.93
C ALA A 376 -7.15 26.42 32.94
N GLU A 377 -8.11 26.69 33.83
CA GLU A 377 -8.54 25.70 34.79
C GLU A 377 -9.28 24.55 34.10
N TRP A 378 -10.13 24.88 33.13
CA TRP A 378 -10.86 23.83 32.41
C TRP A 378 -9.94 23.07 31.46
N GLN A 379 -8.95 23.75 30.89
CA GLN A 379 -7.94 23.08 30.10
C GLN A 379 -7.09 22.14 30.94
N ASN A 380 -6.85 22.53 32.19
CA ASN A 380 -6.16 21.68 33.15
C ASN A 380 -6.99 20.43 33.47
N ILE A 381 -8.29 20.63 33.72
CA ILE A 381 -9.15 19.50 34.10
C ILE A 381 -9.33 18.54 32.94
N THR A 382 -9.49 19.08 31.73
CA THR A 382 -9.71 18.26 30.55
C THR A 382 -8.47 17.46 30.17
N LYS A 383 -7.28 18.05 30.32
CA LYS A 383 -6.06 17.29 30.09
C LYS A 383 -5.69 16.46 31.29
N GLY A 384 -6.24 16.77 32.46
CA GLY A 384 -5.97 15.99 33.65
C GLY A 384 -6.74 14.70 33.69
N PHE A 385 -7.62 14.51 32.72
CA PHE A 385 -8.30 13.24 32.52
C PHE A 385 -7.62 12.36 31.49
N SER A 386 -7.23 12.90 30.34
CA SER A 386 -6.52 12.19 29.30
C SER A 386 -5.88 13.21 28.37
N GLU A 387 -4.93 12.77 27.55
CA GLU A 387 -4.32 13.67 26.60
C GLU A 387 -4.99 13.54 25.25
N ASP A 388 -6.04 12.72 25.20
CA ASP A 388 -6.86 12.57 24.01
C ASP A 388 -8.16 13.36 24.13
N ARG A 389 -8.13 14.49 24.82
CA ARG A 389 -9.30 15.29 25.09
C ARG A 389 -9.10 16.70 24.56
N LEU A 390 -10.19 17.35 24.20
CA LEU A 390 -10.15 18.60 23.48
C LEU A 390 -11.02 19.62 24.17
N LEU A 391 -10.66 20.89 24.07
CA LEU A 391 -11.50 21.98 24.55
C LEU A 391 -11.45 23.10 23.52
N ILE A 392 -12.61 23.46 22.98
CA ILE A 392 -12.71 24.50 21.97
C ILE A 392 -13.34 25.72 22.61
N ALA A 393 -12.83 26.89 22.27
CA ALA A 393 -13.40 28.15 22.74
C ALA A 393 -13.82 28.97 21.53
N GLY A 394 -14.82 29.81 21.69
CA GLY A 394 -15.28 30.64 20.60
C GLY A 394 -15.53 32.07 21.03
N THR A 395 -15.05 33.00 20.22
CA THR A 395 -15.34 34.42 20.39
C THR A 395 -16.01 34.93 19.14
N ASN A 396 -16.40 36.20 19.18
CA ASN A 396 -16.77 36.92 17.97
C ASN A 396 -15.77 38.01 17.66
N SER A 397 -14.62 37.98 18.30
CA SER A 397 -13.61 39.01 18.16
C SER A 397 -12.84 38.76 16.88
N SER A 398 -12.71 39.78 16.05
CA SER A 398 -12.01 39.67 14.79
C SER A 398 -10.66 40.37 14.78
N ASP A 399 -10.17 40.81 15.94
CA ASP A 399 -8.90 41.51 16.00
C ASP A 399 -7.84 40.60 16.60
N LEU A 400 -6.59 40.82 16.22
CA LEU A 400 -5.56 39.84 16.50
C LEU A 400 -5.06 39.94 17.93
N GLN A 401 -5.02 41.14 18.48
CA GLN A 401 -4.43 41.34 19.80
C GLN A 401 -5.31 40.78 20.90
N GLN A 402 -6.63 40.85 20.72
CA GLN A 402 -7.53 40.27 21.71
C GLN A 402 -7.52 38.75 21.64
N ILE A 403 -7.30 38.20 20.45
CA ILE A 403 -7.22 36.76 20.30
C ILE A 403 -5.94 36.23 20.92
N LEU A 404 -4.83 36.94 20.68
CA LEU A 404 -3.54 36.53 21.22
C LEU A 404 -3.49 36.61 22.74
N SER A 405 -4.29 37.47 23.35
CA SER A 405 -4.33 37.54 24.80
C SER A 405 -5.06 36.34 25.40
N LEU A 406 -5.92 35.68 24.63
CA LEU A 406 -6.54 34.45 25.13
C LEU A 406 -5.55 33.30 25.14
N LEU A 407 -4.59 33.30 24.23
CA LEU A 407 -3.68 32.19 24.05
C LEU A 407 -2.31 32.42 24.68
N GLU A 408 -2.21 33.30 25.67
CA GLU A 408 -0.90 33.61 26.23
C GLU A 408 -0.45 32.50 27.17
N SER A 409 -1.34 31.98 28.03
CA SER A 409 -0.95 30.88 28.89
C SER A 409 -1.40 29.55 28.33
N ASN A 410 -2.56 29.53 27.68
CA ASN A 410 -3.03 28.34 26.99
C ASN A 410 -2.37 28.24 25.64
N LYS A 411 -1.84 27.06 25.33
CA LYS A 411 -1.14 26.90 24.06
C LYS A 411 -1.75 25.75 23.29
N ASP A 412 -2.52 24.92 23.96
CA ASP A 412 -3.20 23.78 23.33
C ASP A 412 -4.71 23.96 23.31
N LEU A 413 -5.18 25.19 23.27
CA LEU A 413 -6.59 25.50 23.20
C LEU A 413 -6.95 25.78 21.76
N LEU A 414 -8.00 25.12 21.26
CA LEU A 414 -8.55 25.45 19.95
C LEU A 414 -9.47 26.65 20.11
N LEU A 415 -9.24 27.67 19.32
CA LEU A 415 -10.02 28.89 19.43
C LEU A 415 -10.57 29.24 18.06
N THR A 416 -11.89 29.16 17.92
CA THR A 416 -12.55 29.58 16.70
C THR A 416 -13.06 31.00 16.90
N SER A 417 -12.98 31.80 15.86
CA SER A 417 -13.34 33.21 15.98
C SER A 417 -13.66 33.73 14.59
N SER A 418 -14.13 34.96 14.54
CA SER A 418 -14.46 35.58 13.26
C SER A 418 -13.31 36.41 12.72
N TYR A 419 -12.09 36.00 13.02
CA TYR A 419 -10.90 36.70 12.57
C TYR A 419 -10.66 36.61 11.07
N LEU A 420 -11.24 35.61 10.42
CA LEU A 420 -11.05 35.44 8.98
C LEU A 420 -12.17 36.02 8.14
N SER A 421 -13.41 35.77 8.56
CA SER A 421 -14.58 36.26 7.85
C SER A 421 -14.43 37.71 7.39
N ASP A 422 -14.48 38.61 8.36
CA ASP A 422 -14.37 40.05 8.09
C ASP A 422 -13.42 40.44 6.96
N SER A 423 -13.92 40.41 5.72
CA SER A 423 -13.13 40.82 4.58
C SER A 423 -13.40 39.90 3.39
N GLY A 424 -12.59 40.01 2.35
CA GLY A 424 -12.57 39.00 1.32
C GLY A 424 -12.70 39.54 -0.08
N SER A 425 -12.47 40.84 -0.24
CA SER A 425 -12.62 41.45 -1.55
C SER A 425 -11.35 41.24 -2.37
N THR A 426 -10.20 41.22 -1.70
CA THR A 426 -8.93 40.99 -2.35
C THR A 426 -8.17 39.89 -1.62
N GLY A 427 -7.35 39.16 -2.38
CA GLY A 427 -6.62 38.03 -1.85
C GLY A 427 -5.30 38.37 -1.20
N GLU A 428 -4.72 39.51 -1.56
CA GLU A 428 -3.52 39.99 -0.89
C GLU A 428 -3.82 40.42 0.54
N HIS A 429 -5.07 40.71 0.86
CA HIS A 429 -5.51 40.94 2.22
C HIS A 429 -5.76 39.66 2.99
N THR A 430 -6.12 38.58 2.31
CA THR A 430 -6.28 37.30 2.97
C THR A 430 -4.94 36.65 3.25
N LYS A 431 -3.99 36.77 2.32
CA LYS A 431 -2.64 36.28 2.52
C LYS A 431 -1.97 36.95 3.70
N SER A 432 -2.16 38.27 3.83
CA SER A 432 -1.58 39.00 4.93
C SER A 432 -2.18 38.59 6.25
N LEU A 433 -3.48 38.30 6.27
CA LEU A 433 -4.15 37.85 7.48
C LEU A 433 -3.60 36.50 7.94
N VAL A 434 -3.49 35.56 7.01
CA VAL A 434 -3.04 34.20 7.34
C VAL A 434 -1.59 34.22 7.79
N THR A 435 -0.74 34.95 7.07
CA THR A 435 0.68 34.98 7.40
C THR A 435 0.94 35.74 8.69
N GLN A 436 0.16 36.79 8.96
CA GLN A 436 0.32 37.52 10.22
C GLN A 436 -0.13 36.68 11.39
N TYR A 437 -1.21 35.91 11.24
CA TYR A 437 -1.63 35.02 12.31
C TYR A 437 -0.62 33.92 12.56
N LEU A 438 0.02 33.41 11.52
CA LEU A 438 0.98 32.34 11.74
C LEU A 438 2.29 32.88 12.30
N ASN A 439 2.64 34.11 11.92
CA ASN A 439 3.82 34.77 12.48
C ASN A 439 3.64 35.05 13.96
N ALA A 440 2.50 35.61 14.34
CA ALA A 440 2.28 36.07 15.70
C ALA A 440 2.14 34.94 16.70
N THR A 441 1.85 33.71 16.27
CA THR A 441 1.70 32.62 17.20
C THR A 441 2.81 31.59 17.09
N GLY A 442 3.76 31.79 16.18
CA GLY A 442 4.92 30.94 16.14
C GLY A 442 4.68 29.58 15.54
N ASN A 443 3.80 29.51 14.53
CA ASN A 443 3.50 28.30 13.75
C ASN A 443 3.04 27.16 14.63
N ARG A 444 2.12 27.47 15.54
CA ARG A 444 1.55 26.47 16.41
C ARG A 444 0.30 25.90 15.75
N TRP A 445 -0.33 24.92 16.38
CA TRP A 445 -1.52 24.32 15.81
C TRP A 445 -2.72 25.20 16.07
N CYS A 446 -3.47 25.51 15.01
CA CYS A 446 -4.61 26.40 15.12
C CYS A 446 -5.80 25.81 14.39
N SER A 447 -6.93 26.49 14.49
CA SER A 447 -8.15 26.11 13.82
C SER A 447 -8.54 27.17 12.83
N TRP A 448 -9.02 26.74 11.68
CA TRP A 448 -9.42 27.67 10.63
C TRP A 448 -10.92 27.61 10.46
N SER A 449 -11.54 28.78 10.43
CA SER A 449 -12.99 28.89 10.39
C SER A 449 -13.36 30.19 9.72
N LEU A 450 -14.64 30.47 9.60
CA LEU A 450 -15.07 31.81 9.31
C LEU A 450 -15.86 32.43 10.45
N SER A 451 -16.38 31.64 11.36
CA SER A 451 -17.04 32.18 12.54
C SER A 451 -16.99 31.13 13.63
N GLN A 452 -17.72 31.36 14.70
CA GLN A 452 -17.84 30.38 15.76
C GLN A 452 -19.12 29.57 15.66
N ALA A 453 -20.17 30.08 14.99
CA ALA A 453 -21.34 29.25 14.82
C ALA A 453 -22.12 29.46 13.51
N ARG A 454 -21.68 30.34 12.63
CA ARG A 454 -22.50 30.61 11.44
C ARG A 454 -22.02 29.78 10.25
N LEU A 455 -22.72 29.94 9.13
CA LEU A 455 -22.38 29.24 7.91
C LEU A 455 -21.41 30.05 7.08
N LEU A 456 -20.93 29.45 5.98
CA LEU A 456 -20.05 30.18 5.08
C LEU A 456 -20.81 31.22 4.29
N THR A 457 -22.08 30.96 4.02
CA THR A 457 -22.88 31.80 3.15
C THR A 457 -23.39 33.04 3.86
N SER A 458 -23.15 33.13 5.16
CA SER A 458 -23.48 34.34 5.89
C SER A 458 -22.47 35.45 5.65
N PHE A 459 -21.33 35.14 5.03
CA PHE A 459 -20.30 36.14 4.78
C PHE A 459 -19.88 36.16 3.32
N LEU A 460 -20.15 35.10 2.60
CA LEU A 460 -19.60 35.05 1.26
C LEU A 460 -20.69 35.06 0.21
N PRO A 461 -20.44 35.71 -0.93
CA PRO A 461 -21.32 35.52 -2.10
C PRO A 461 -21.11 34.12 -2.65
N ALA A 462 -22.10 33.62 -3.39
CA ALA A 462 -22.15 32.20 -3.73
C ALA A 462 -21.16 31.79 -4.80
N GLN A 463 -20.43 32.73 -5.39
CA GLN A 463 -19.38 32.36 -6.32
C GLN A 463 -18.06 32.05 -5.63
N LEU A 464 -17.91 32.42 -4.37
CA LEU A 464 -16.65 32.24 -3.66
C LEU A 464 -16.66 31.04 -2.71
N LEU A 465 -17.69 30.19 -2.78
CA LEU A 465 -17.77 29.12 -1.81
C LEU A 465 -16.83 27.98 -2.13
N ARG A 466 -16.45 27.83 -3.40
CA ARG A 466 -15.52 26.76 -3.74
C ARG A 466 -14.09 27.17 -3.42
N LEU A 467 -13.79 28.44 -3.61
CA LEU A 467 -12.47 28.97 -3.35
C LEU A 467 -12.12 28.92 -1.87
N TYR A 468 -13.10 29.13 -1.01
CA TYR A 468 -12.82 29.05 0.41
C TYR A 468 -12.76 27.62 0.92
N GLN A 469 -13.48 26.70 0.28
CA GLN A 469 -13.35 25.32 0.67
C GLN A 469 -12.02 24.74 0.22
N LEU A 470 -11.45 25.25 -0.86
CA LEU A 470 -10.10 24.86 -1.21
C LEU A 470 -9.07 25.42 -0.25
N MET A 471 -9.28 26.62 0.26
CA MET A 471 -8.33 27.22 1.18
C MET A 471 -8.41 26.61 2.57
N LEU A 472 -9.60 26.31 3.07
CA LEU A 472 -9.71 25.84 4.44
C LEU A 472 -9.23 24.40 4.61
N PHE A 473 -9.13 23.65 3.52
CA PHE A 473 -8.69 22.27 3.64
C PHE A 473 -7.20 22.10 3.43
N THR A 474 -6.47 23.16 3.12
CA THR A 474 -5.06 23.05 2.85
C THR A 474 -4.19 23.96 3.70
N LEU A 475 -4.74 24.66 4.64
CA LEU A 475 -3.97 25.48 5.55
C LEU A 475 -3.57 24.66 6.76
N PRO A 476 -2.50 25.03 7.47
CA PRO A 476 -2.01 24.18 8.55
C PRO A 476 -2.81 24.24 9.83
N GLY A 477 -3.87 23.45 9.94
CA GLY A 477 -4.65 23.49 11.16
C GLY A 477 -5.77 22.49 11.13
N THR A 478 -6.83 22.82 11.82
CA THR A 478 -8.03 22.00 11.83
C THR A 478 -9.17 22.80 11.22
N PRO A 479 -9.72 22.38 10.09
CA PRO A 479 -10.87 23.11 9.54
C PRO A 479 -12.13 22.76 10.30
N VAL A 480 -12.96 23.76 10.55
CA VAL A 480 -14.22 23.58 11.27
C VAL A 480 -15.34 24.15 10.40
N PHE A 481 -16.40 23.37 10.22
CA PHE A 481 -17.55 23.78 9.42
C PHE A 481 -18.82 23.58 10.23
N SER A 482 -19.86 24.30 9.84
CA SER A 482 -21.21 24.06 10.35
C SER A 482 -21.90 23.06 9.44
N TYR A 483 -23.12 22.69 9.80
CA TYR A 483 -23.84 21.77 8.96
C TYR A 483 -24.43 22.49 7.76
N GLY A 484 -24.23 21.94 6.59
CA GLY A 484 -24.74 22.53 5.38
C GLY A 484 -23.76 23.34 4.59
N ASP A 485 -22.52 23.47 5.04
CA ASP A 485 -21.53 24.15 4.23
C ASP A 485 -20.98 23.28 3.13
N GLU A 486 -21.26 21.99 3.17
CA GLU A 486 -20.85 21.10 2.10
C GLU A 486 -21.80 21.16 0.92
N ILE A 487 -23.02 21.65 1.11
CA ILE A 487 -23.95 21.83 0.01
C ILE A 487 -24.24 23.30 -0.25
N GLY A 488 -23.61 24.20 0.49
CA GLY A 488 -23.87 25.61 0.31
C GLY A 488 -25.24 26.04 0.78
N LEU A 489 -25.63 25.63 1.98
CA LEU A 489 -26.94 25.95 2.53
C LEU A 489 -27.11 27.45 2.72
N ASP A 490 -28.31 27.97 2.48
CA ASP A 490 -28.51 29.40 2.51
C ASP A 490 -29.82 29.76 3.21
N ALA A 491 -29.74 30.56 4.27
CA ALA A 491 -30.95 31.03 4.93
C ALA A 491 -31.64 32.13 4.12
N ALA A 492 -30.93 32.75 3.19
CA ALA A 492 -31.49 33.83 2.38
C ALA A 492 -32.03 33.33 1.05
N ALA A 493 -32.30 32.04 0.95
CA ALA A 493 -32.88 31.46 -0.24
C ALA A 493 -34.25 30.87 -0.01
N LEU A 494 -34.65 30.60 1.24
CA LEU A 494 -35.97 30.09 1.55
C LEU A 494 -36.54 31.00 2.61
N PRO A 495 -37.59 31.74 2.32
CA PRO A 495 -38.12 32.71 3.29
C PRO A 495 -38.88 32.05 4.43
N GLY A 496 -39.16 32.83 5.48
CA GLY A 496 -39.91 32.35 6.63
C GLY A 496 -39.15 31.29 7.41
N GLN A 497 -37.96 31.65 7.88
CA GLN A 497 -37.03 30.69 8.43
C GLN A 497 -35.97 31.43 9.23
N PRO A 498 -35.54 30.90 10.39
CA PRO A 498 -34.50 31.57 11.15
C PRO A 498 -33.16 31.54 10.45
N MET A 499 -32.39 32.63 10.57
CA MET A 499 -31.07 32.67 9.98
C MET A 499 -30.02 32.00 10.86
N GLU A 500 -30.41 31.60 12.06
CA GLU A 500 -29.50 30.93 12.97
C GLU A 500 -29.68 29.43 12.99
N ALA A 501 -30.75 28.93 12.42
CA ALA A 501 -30.97 27.49 12.32
C ALA A 501 -31.78 27.18 11.07
N PRO A 502 -31.15 27.16 9.91
CA PRO A 502 -31.89 26.80 8.70
C PRO A 502 -32.16 25.30 8.64
N VAL A 503 -33.03 24.88 7.75
CA VAL A 503 -33.43 23.48 7.64
C VAL A 503 -32.49 22.81 6.66
N MET A 504 -31.92 21.68 7.05
CA MET A 504 -31.05 20.94 6.16
C MET A 504 -31.85 20.28 5.07
N LEU A 505 -31.48 20.54 3.82
CA LEU A 505 -32.23 20.07 2.66
C LEU A 505 -31.75 18.68 2.31
N TRP A 506 -32.38 17.67 2.92
CA TRP A 506 -32.00 16.30 2.64
C TRP A 506 -32.53 15.84 1.29
N ASP A 507 -33.85 15.90 1.11
CA ASP A 507 -34.48 15.52 -0.14
C ASP A 507 -35.30 16.67 -0.67
N GLU A 508 -36.12 16.37 -1.67
CA GLU A 508 -37.00 17.39 -2.21
C GLU A 508 -38.15 17.72 -1.27
N SER A 509 -38.50 16.82 -0.34
CA SER A 509 -39.67 17.00 0.51
C SER A 509 -39.29 17.63 1.85
N SER A 510 -38.02 17.99 2.01
CA SER A 510 -37.46 18.38 3.30
C SER A 510 -38.04 19.69 3.83
N PHE A 511 -38.18 20.70 2.98
CA PHE A 511 -38.83 21.94 3.39
C PHE A 511 -40.32 21.84 3.09
N PRO A 512 -41.18 21.66 4.10
CA PRO A 512 -42.60 21.46 3.85
C PRO A 512 -43.31 22.73 3.38
N ASP A 513 -43.12 23.83 4.10
CA ASP A 513 -43.79 25.07 3.77
C ASP A 513 -43.18 25.65 2.49
N ILE A 514 -44.03 26.34 1.72
CA ILE A 514 -43.80 26.72 0.33
C ILE A 514 -43.34 25.49 -0.45
N PRO A 515 -44.22 24.54 -0.73
CA PRO A 515 -43.80 23.28 -1.34
C PRO A 515 -43.51 23.42 -2.83
N GLY A 516 -42.26 23.76 -3.16
CA GLY A 516 -41.90 24.01 -4.54
C GLY A 516 -40.81 25.04 -4.67
N ALA A 517 -40.44 25.67 -3.55
CA ALA A 517 -39.34 26.61 -3.53
C ALA A 517 -37.97 25.95 -3.65
N VAL A 518 -37.86 24.68 -3.24
CA VAL A 518 -36.59 23.96 -3.32
C VAL A 518 -36.35 23.48 -4.74
N SER A 519 -35.14 23.01 -5.01
CA SER A 519 -34.80 22.51 -6.33
C SER A 519 -34.09 21.17 -6.19
N ALA A 520 -33.51 20.66 -7.27
CA ALA A 520 -32.74 19.43 -7.20
C ALA A 520 -31.28 19.66 -6.89
N ASN A 521 -30.71 20.78 -7.33
CA ASN A 521 -29.32 21.11 -7.05
C ASN A 521 -29.14 21.78 -5.68
N MET A 522 -30.14 21.73 -4.83
CA MET A 522 -30.05 22.32 -3.50
C MET A 522 -30.15 21.28 -2.40
N THR A 523 -30.19 20.00 -2.74
CA THR A 523 -30.32 18.95 -1.75
C THR A 523 -29.08 18.07 -1.76
N VAL A 524 -28.92 17.29 -0.71
CA VAL A 524 -27.83 16.32 -0.68
C VAL A 524 -28.14 15.14 -1.60
N LYS A 525 -29.43 14.83 -1.75
CA LYS A 525 -29.84 13.75 -2.64
C LYS A 525 -29.56 14.12 -4.09
N GLY A 526 -29.82 15.37 -4.45
CA GLY A 526 -29.55 15.80 -5.81
C GLY A 526 -28.07 16.00 -6.06
N GLN A 527 -27.33 16.46 -5.07
CA GLN A 527 -25.93 16.79 -5.29
C GLN A 527 -25.00 15.61 -5.14
N SER A 528 -25.52 14.44 -4.77
CA SER A 528 -24.66 13.27 -4.60
C SER A 528 -24.36 12.57 -5.93
N GLU A 529 -24.91 13.08 -7.04
CA GLU A 529 -24.62 12.53 -8.35
C GLU A 529 -23.67 13.40 -9.14
N ASP A 530 -23.97 14.70 -9.22
CA ASP A 530 -23.26 15.69 -10.03
C ASP A 530 -21.80 15.78 -9.65
N PRO A 531 -20.88 15.39 -10.52
CA PRO A 531 -19.45 15.43 -10.18
C PRO A 531 -18.85 16.83 -10.20
N GLY A 532 -19.62 17.84 -10.55
CA GLY A 532 -19.17 19.21 -10.46
C GLY A 532 -19.98 19.98 -9.44
N SER A 533 -20.55 19.27 -8.47
CA SER A 533 -21.30 19.92 -7.42
C SER A 533 -20.38 20.30 -6.27
N LEU A 534 -20.96 20.98 -5.29
CA LEU A 534 -20.19 21.44 -4.14
C LEU A 534 -19.83 20.29 -3.22
N LEU A 535 -20.79 19.42 -2.93
CA LEU A 535 -20.57 18.24 -2.11
C LEU A 535 -19.58 17.27 -2.74
N SER A 536 -19.52 17.21 -4.05
CA SER A 536 -18.51 16.41 -4.72
C SER A 536 -17.12 16.98 -4.57
N LEU A 537 -16.99 18.29 -4.35
CA LEU A 537 -15.69 18.88 -4.11
C LEU A 537 -15.26 18.66 -2.66
N PHE A 538 -16.21 18.82 -1.74
CA PHE A 538 -15.97 18.62 -0.31
C PHE A 538 -15.47 17.22 -0.02
N ARG A 539 -16.01 16.22 -0.71
CA ARG A 539 -15.64 14.84 -0.44
C ARG A 539 -14.22 14.54 -0.89
N ARG A 540 -13.83 15.06 -2.05
CA ARG A 540 -12.48 14.86 -2.54
C ARG A 540 -11.46 15.59 -1.68
N LEU A 541 -11.80 16.80 -1.25
CA LEU A 541 -10.88 17.56 -0.40
C LEU A 541 -10.75 16.92 0.98
N SER A 542 -11.85 16.43 1.54
CA SER A 542 -11.79 15.80 2.84
C SER A 542 -11.18 14.41 2.76
N ASP A 543 -11.13 13.83 1.57
CA ASP A 543 -10.37 12.60 1.36
C ASP A 543 -8.88 12.88 1.26
N GLN A 544 -8.50 13.97 0.61
CA GLN A 544 -7.08 14.27 0.49
C GLN A 544 -6.47 14.76 1.79
N ARG A 545 -7.25 15.45 2.62
CA ARG A 545 -6.72 16.05 3.83
C ARG A 545 -6.40 15.01 4.89
N SER A 546 -7.21 13.97 4.99
CA SER A 546 -7.01 12.97 6.03
C SER A 546 -6.05 11.87 5.61
N LYS A 547 -5.45 11.95 4.43
CA LYS A 547 -4.66 10.86 3.88
C LYS A 547 -3.22 11.25 3.62
N GLU A 548 -2.98 12.35 2.91
CA GLU A 548 -1.63 12.75 2.56
C GLU A 548 -0.90 13.31 3.76
N ARG A 549 0.40 13.00 3.87
CA ARG A 549 1.17 13.43 5.02
C ARG A 549 1.53 14.89 5.00
N SER A 550 1.80 15.45 3.82
CA SER A 550 2.21 16.84 3.76
C SER A 550 1.04 17.79 3.89
N LEU A 551 -0.19 17.29 3.85
CA LEU A 551 -1.35 18.04 4.28
C LEU A 551 -1.76 17.72 5.69
N LEU A 552 -1.25 16.64 6.26
CA LEU A 552 -1.55 16.30 7.64
C LEU A 552 -0.69 17.05 8.63
N HIS A 553 0.62 17.02 8.49
CA HIS A 553 1.48 17.81 9.35
C HIS A 553 2.62 18.39 8.56
N GLY A 554 2.34 18.95 7.40
CA GLY A 554 3.36 19.50 6.55
C GLY A 554 3.83 20.85 7.01
N ASP A 555 4.63 21.48 6.17
CA ASP A 555 5.10 22.83 6.39
C ASP A 555 4.49 23.73 5.34
N PHE A 556 4.25 24.97 5.74
CA PHE A 556 3.54 25.98 4.97
C PHE A 556 4.54 27.02 4.49
N HIS A 557 4.46 27.37 3.22
CA HIS A 557 5.24 28.50 2.74
C HIS A 557 4.43 29.22 1.68
N ALA A 558 4.11 30.47 1.92
CA ALA A 558 3.45 31.29 0.94
C ALA A 558 4.49 32.03 0.13
N PHE A 559 4.22 32.25 -1.15
CA PHE A 559 5.17 33.03 -1.92
C PHE A 559 4.43 34.07 -2.76
N SER A 560 5.21 35.03 -3.24
CA SER A 560 4.64 36.19 -3.91
C SER A 560 4.20 35.84 -5.33
N ALA A 561 3.10 36.45 -5.75
CA ALA A 561 2.54 36.15 -7.07
C ALA A 561 1.85 37.41 -7.59
N GLY A 562 1.02 37.25 -8.61
CA GLY A 562 0.38 38.36 -9.28
C GLY A 562 -0.61 39.14 -8.44
N PRO A 563 -1.20 40.17 -9.02
CA PRO A 563 -2.06 41.09 -8.25
C PRO A 563 -3.44 40.51 -7.94
N GLY A 564 -3.53 39.73 -6.88
CA GLY A 564 -4.80 39.18 -6.46
C GLY A 564 -4.75 37.70 -6.18
N LEU A 565 -3.54 37.14 -6.19
CA LEU A 565 -3.36 35.71 -6.00
C LEU A 565 -2.98 35.40 -4.57
N PHE A 566 -3.27 34.18 -4.16
CA PHE A 566 -2.77 33.61 -2.92
C PHE A 566 -2.21 32.26 -3.31
N SER A 567 -0.89 32.12 -3.19
CA SER A 567 -0.18 30.94 -3.67
C SER A 567 0.72 30.42 -2.58
N TYR A 568 0.59 29.13 -2.27
CA TYR A 568 1.42 28.57 -1.22
C TYR A 568 1.69 27.11 -1.48
N ILE A 569 2.55 26.54 -0.65
CA ILE A 569 3.05 25.19 -0.81
C ILE A 569 3.08 24.50 0.55
N ARG A 570 2.68 23.23 0.56
CA ARG A 570 2.78 22.37 1.73
C ARG A 570 3.73 21.23 1.43
N HIS A 571 4.68 21.00 2.34
CA HIS A 571 5.70 19.97 2.15
C HIS A 571 6.12 19.36 3.47
N TRP A 572 6.13 18.04 3.58
CA TRP A 572 6.56 17.51 4.87
C TRP A 572 8.02 17.12 4.92
N ASP A 573 8.41 16.01 4.29
CA ASP A 573 9.82 15.62 4.35
C ASP A 573 10.34 15.22 3.00
N GLN A 574 9.75 14.14 2.49
CA GLN A 574 10.09 13.53 1.23
C GLN A 574 8.85 13.07 0.51
N ASN A 575 7.67 13.37 1.05
CA ASN A 575 6.44 12.96 0.43
C ASN A 575 6.05 13.93 -0.67
N GLU A 576 4.87 13.69 -1.22
CA GLU A 576 4.45 14.42 -2.41
C GLU A 576 3.97 15.81 -2.02
N ARG A 577 4.64 16.82 -2.54
CA ARG A 577 4.36 18.21 -2.19
C ARG A 577 3.04 18.66 -2.80
N PHE A 578 2.49 19.75 -2.26
CA PHE A 578 1.26 20.31 -2.79
C PHE A 578 1.42 21.81 -3.01
N LEU A 579 0.84 22.30 -4.09
CA LEU A 579 0.91 23.72 -4.42
C LEU A 579 -0.49 24.22 -4.74
N VAL A 580 -0.96 25.18 -3.96
CA VAL A 580 -2.32 25.69 -4.07
C VAL A 580 -2.24 27.10 -4.64
N VAL A 581 -3.03 27.37 -5.67
CA VAL A 581 -3.11 28.70 -6.28
C VAL A 581 -4.56 29.15 -6.25
N LEU A 582 -4.80 30.32 -5.66
CA LEU A 582 -6.16 30.85 -5.50
C LEU A 582 -6.23 32.23 -6.11
N ASN A 583 -7.30 32.48 -6.84
CA ASN A 583 -7.53 33.77 -7.50
C ASN A 583 -8.82 34.37 -6.93
N PHE A 584 -8.68 35.23 -5.92
CA PHE A 584 -9.85 35.86 -5.33
C PHE A 584 -10.41 36.99 -6.16
N GLY A 585 -9.71 37.43 -7.19
CA GLY A 585 -10.13 38.55 -7.99
C GLY A 585 -11.22 38.16 -8.98
N ASP A 586 -11.64 39.16 -9.75
CA ASP A 586 -12.71 38.98 -10.74
C ASP A 586 -12.16 38.91 -12.15
N VAL A 587 -11.25 39.79 -12.54
CA VAL A 587 -10.68 39.70 -13.87
C VAL A 587 -9.69 38.54 -13.90
N GLY A 588 -9.66 37.82 -15.01
CA GLY A 588 -8.70 36.74 -15.16
C GLY A 588 -7.30 37.29 -15.33
N LEU A 589 -6.29 36.49 -15.04
CA LEU A 589 -4.91 36.98 -15.08
C LEU A 589 -3.96 35.80 -15.13
N SER A 590 -2.71 36.10 -15.48
CA SER A 590 -1.65 35.11 -15.47
C SER A 590 -1.17 34.90 -14.04
N ALA A 591 -0.41 33.83 -13.79
CA ALA A 591 0.04 33.56 -12.45
C ALA A 591 1.32 34.28 -12.09
N GLY A 592 2.41 34.04 -12.80
CA GLY A 592 3.68 34.63 -12.45
C GLY A 592 4.22 34.06 -11.16
N LEU A 593 4.38 32.74 -11.12
CA LEU A 593 4.82 32.06 -9.92
C LEU A 593 6.32 32.21 -9.80
N GLN A 594 6.76 33.34 -9.26
CA GLN A 594 8.17 33.58 -8.99
C GLN A 594 8.37 33.45 -7.49
N ALA A 595 8.78 32.26 -7.06
CA ALA A 595 8.91 32.03 -5.63
C ALA A 595 10.24 32.55 -5.10
N SER A 596 11.34 31.90 -5.48
CA SER A 596 12.73 32.32 -5.22
C SER A 596 13.10 32.50 -3.74
N ASP A 597 12.20 32.15 -2.81
CA ASP A 597 12.54 32.30 -1.39
C ASP A 597 12.26 31.02 -0.63
N LEU A 598 11.59 30.06 -1.28
CA LEU A 598 11.31 28.75 -0.71
C LEU A 598 12.63 28.02 -0.52
N PRO A 599 12.74 27.16 0.50
CA PRO A 599 14.01 26.46 0.72
C PRO A 599 14.23 25.41 -0.36
N ALA A 600 15.47 24.93 -0.45
CA ALA A 600 15.86 24.06 -1.55
C ALA A 600 15.21 22.68 -1.47
N SER A 601 14.76 22.28 -0.28
CA SER A 601 14.02 21.03 -0.14
C SER A 601 12.61 21.12 -0.70
N ALA A 602 12.14 22.32 -1.03
CA ALA A 602 10.79 22.47 -1.55
C ALA A 602 10.68 23.39 -2.75
N SER A 603 11.74 23.58 -3.55
CA SER A 603 11.64 24.44 -4.73
C SER A 603 10.80 23.76 -5.80
N LEU A 604 10.07 24.56 -6.54
CA LEU A 604 9.07 24.00 -7.45
C LEU A 604 9.69 23.71 -8.82
N PRO A 605 9.24 22.65 -9.49
CA PRO A 605 9.79 22.32 -10.81
C PRO A 605 9.16 23.16 -11.91
N ALA A 606 9.47 22.81 -13.16
CA ALA A 606 8.88 23.47 -14.32
C ALA A 606 7.50 22.95 -14.67
N LYS A 607 7.21 21.68 -14.38
CA LYS A 607 5.92 21.09 -14.69
C LYS A 607 5.39 20.37 -13.46
N ALA A 608 4.09 20.47 -13.23
CA ALA A 608 3.44 19.85 -12.10
C ALA A 608 2.11 19.28 -12.55
N ASP A 609 1.59 18.34 -11.77
CA ASP A 609 0.35 17.67 -12.12
C ASP A 609 -0.86 18.54 -11.83
N LEU A 610 -2.03 17.94 -11.80
CA LEU A 610 -3.22 18.68 -11.41
C LEU A 610 -4.18 17.72 -10.77
N LEU A 611 -4.66 18.05 -9.58
CA LEU A 611 -5.66 17.24 -8.93
C LEU A 611 -7.06 17.71 -9.22
N LEU A 612 -7.34 19.00 -9.06
CA LEU A 612 -8.67 19.49 -9.29
C LEU A 612 -8.67 20.97 -9.62
N SER A 613 -9.83 21.48 -10.02
CA SER A 613 -10.05 22.90 -10.14
C SER A 613 -11.47 23.16 -9.69
N THR A 614 -11.71 24.37 -9.21
CA THR A 614 -13.03 24.71 -8.72
C THR A 614 -14.03 24.85 -9.85
N GLN A 615 -13.59 25.31 -10.98
CA GLN A 615 -14.41 25.48 -12.16
C GLN A 615 -14.10 24.41 -13.17
N PRO A 616 -15.11 23.84 -13.82
CA PRO A 616 -14.86 22.78 -14.80
C PRO A 616 -14.40 23.35 -16.13
N GLY A 617 -13.70 22.51 -16.89
CA GLY A 617 -13.17 22.96 -18.16
C GLY A 617 -11.67 22.77 -18.25
N ARG A 618 -11.15 21.84 -17.46
CA ARG A 618 -9.74 21.53 -17.49
C ARG A 618 -9.61 20.02 -17.33
N GLU A 619 -8.42 19.49 -17.57
CA GLU A 619 -8.23 18.04 -17.56
C GLU A 619 -7.38 17.64 -16.34
N GLU A 620 -8.00 16.87 -15.46
CA GLU A 620 -7.37 16.53 -14.19
C GLU A 620 -6.40 15.35 -14.30
N GLY A 621 -5.11 15.66 -14.36
CA GLY A 621 -4.09 14.64 -14.40
C GLY A 621 -2.91 15.00 -15.29
N SER A 622 -3.11 15.86 -16.26
CA SER A 622 -2.06 16.14 -17.23
C SER A 622 -1.08 17.15 -16.64
N PRO A 623 0.21 17.01 -16.88
CA PRO A 623 1.17 17.98 -16.35
C PRO A 623 1.10 19.32 -17.04
N LEU A 624 0.78 20.35 -16.27
CA LEU A 624 0.73 21.72 -16.75
C LEU A 624 1.94 22.49 -16.23
N GLU A 625 2.39 23.48 -16.99
CA GLU A 625 3.69 24.10 -16.77
C GLU A 625 3.55 25.51 -16.22
N LEU A 626 4.43 25.85 -15.30
CA LEU A 626 4.24 26.98 -14.39
C LEU A 626 4.98 28.24 -14.84
N GLU A 627 4.79 28.62 -16.11
CA GLU A 627 5.14 29.99 -16.48
C GLU A 627 4.13 30.55 -17.47
N ARG A 628 3.25 29.68 -17.98
CA ARG A 628 2.13 30.12 -18.78
C ARG A 628 0.80 29.84 -18.13
N LEU A 629 0.79 29.49 -16.85
CA LEU A 629 -0.42 29.18 -16.09
C LEU A 629 -1.31 30.40 -15.95
N LYS A 630 -2.50 30.33 -16.53
CA LYS A 630 -3.48 31.39 -16.44
C LYS A 630 -4.67 30.92 -15.61
N LEU A 631 -5.41 31.88 -15.07
CA LEU A 631 -6.53 31.57 -14.22
C LEU A 631 -7.72 32.44 -14.62
N GLU A 632 -8.90 31.83 -14.67
CA GLU A 632 -10.13 32.54 -14.94
C GLU A 632 -10.63 33.18 -13.64
N PRO A 633 -11.69 33.98 -13.71
CA PRO A 633 -12.39 34.44 -12.51
C PRO A 633 -12.71 33.37 -11.47
N HIS A 634 -12.24 33.60 -10.24
CA HIS A 634 -12.61 32.85 -9.04
C HIS A 634 -12.20 31.39 -9.12
N GLU A 635 -11.07 31.11 -9.74
CA GLU A 635 -10.61 29.74 -9.90
C GLU A 635 -9.56 29.41 -8.86
N GLY A 636 -9.49 28.14 -8.48
CA GLY A 636 -8.44 27.65 -7.62
C GLY A 636 -7.86 26.36 -8.15
N LEU A 637 -6.59 26.12 -7.94
CA LEU A 637 -5.90 24.95 -8.47
C LEU A 637 -5.11 24.25 -7.38
N LEU A 638 -5.05 22.92 -7.49
CA LEU A 638 -4.43 22.03 -6.52
C LEU A 638 -3.38 21.16 -7.21
N LEU A 639 -2.38 21.78 -7.83
CA LEU A 639 -1.29 21.07 -8.50
C LEU A 639 -0.46 20.21 -7.54
N ARG A 640 0.45 19.41 -8.08
CA ARG A 640 1.18 18.44 -7.27
C ARG A 640 2.52 18.08 -7.91
N PHE A 641 3.54 17.81 -7.11
CA PHE A 641 4.85 17.41 -7.62
C PHE A 641 5.58 16.64 -6.54
N PRO A 642 6.49 15.72 -6.92
CA PRO A 642 7.17 14.89 -5.91
C PRO A 642 8.53 15.41 -5.48
N TYR A 643 9.10 14.75 -4.47
CA TYR A 643 10.36 15.20 -3.89
C TYR A 643 11.52 14.84 -4.79
N ALA A 644 12.17 15.87 -5.32
CA ALA A 644 13.22 15.69 -6.31
C ALA A 644 14.12 16.91 -6.34
N ALA A 645 14.93 17.03 -7.38
CA ALA A 645 15.76 18.22 -7.58
C ALA A 645 14.95 19.37 -8.17
N VAL B 64 31.85 -39.67 -13.16
CA VAL B 64 31.21 -38.73 -12.25
C VAL B 64 29.81 -38.35 -12.72
N THR B 65 28.84 -38.59 -11.85
CA THR B 65 27.49 -38.10 -12.04
C THR B 65 27.22 -37.12 -10.92
N LEU B 66 25.98 -36.64 -10.76
CA LEU B 66 25.79 -35.58 -9.79
C LEU B 66 25.76 -36.05 -8.36
N GLN B 67 24.68 -36.67 -7.87
CA GLN B 67 24.55 -37.48 -6.64
C GLN B 67 23.11 -37.93 -6.48
N ARG B 68 22.83 -38.65 -5.39
CA ARG B 68 21.47 -38.85 -4.89
C ARG B 68 21.53 -38.64 -3.37
N ASN B 69 21.24 -37.42 -2.93
CA ASN B 69 21.35 -37.07 -1.53
C ASN B 69 20.24 -36.15 -1.01
N ILE B 70 19.15 -35.99 -1.76
CA ILE B 70 18.02 -35.19 -1.29
C ILE B 70 16.97 -36.14 -0.71
N THR B 71 16.69 -35.98 0.57
CA THR B 71 15.75 -36.84 1.27
C THR B 71 14.35 -36.22 1.23
N LEU B 72 13.42 -36.76 2.01
CA LEU B 72 12.04 -36.29 2.02
C LEU B 72 11.92 -34.92 2.68
N LEU B 73 12.56 -34.73 3.83
CA LEU B 73 12.51 -33.45 4.52
C LEU B 73 13.22 -32.37 3.73
N ASN B 74 14.26 -32.72 2.98
CA ASN B 74 14.90 -31.74 2.11
C ASN B 74 13.98 -31.33 0.97
N GLY B 75 13.15 -32.27 0.49
CA GLY B 75 12.20 -31.92 -0.55
C GLY B 75 11.08 -31.03 -0.04
N VAL B 76 10.60 -31.31 1.17
CA VAL B 76 9.60 -30.46 1.81
C VAL B 76 10.18 -29.07 2.03
N ALA B 77 11.44 -28.99 2.42
CA ALA B 77 12.10 -27.70 2.62
C ALA B 77 12.25 -26.94 1.32
N ILE B 78 12.60 -27.63 0.23
CA ILE B 78 12.79 -27.00 -1.07
C ILE B 78 11.47 -26.39 -1.55
N ILE B 79 10.39 -27.16 -1.47
CA ILE B 79 9.10 -26.64 -1.94
C ILE B 79 8.53 -25.55 -1.03
N VAL B 80 8.51 -25.78 0.29
CA VAL B 80 7.94 -24.80 1.22
C VAL B 80 8.75 -23.52 1.22
N GLY B 81 10.08 -23.65 1.26
CA GLY B 81 10.95 -22.50 1.24
C GLY B 81 10.96 -21.75 -0.07
N THR B 82 10.73 -22.41 -1.20
CA THR B 82 10.75 -21.67 -2.45
C THR B 82 9.41 -21.00 -2.73
N ILE B 83 8.31 -21.61 -2.28
CA ILE B 83 7.00 -21.00 -2.48
C ILE B 83 6.84 -19.77 -1.58
N ILE B 84 7.09 -19.94 -0.29
CA ILE B 84 6.92 -18.85 0.67
C ILE B 84 8.14 -17.97 0.54
N GLY B 85 8.05 -16.97 -0.32
CA GLY B 85 9.08 -15.98 -0.47
C GLY B 85 8.59 -14.61 -0.10
N SER B 86 8.24 -13.83 -1.11
CA SER B 86 7.85 -12.44 -0.95
C SER B 86 6.39 -12.16 -1.22
N GLY B 87 5.64 -13.12 -1.75
CA GLY B 87 4.27 -12.87 -2.17
C GLY B 87 3.31 -12.65 -1.03
N ILE B 88 3.53 -13.29 0.12
CA ILE B 88 2.63 -13.12 1.25
C ILE B 88 2.85 -11.80 1.96
N PHE B 89 3.88 -11.05 1.59
CA PHE B 89 4.12 -9.75 2.19
C PHE B 89 3.93 -8.59 1.24
N VAL B 90 3.71 -8.85 -0.05
CA VAL B 90 3.72 -7.83 -1.09
C VAL B 90 2.38 -7.74 -1.81
N THR B 91 1.92 -8.85 -2.36
CA THR B 91 0.65 -8.97 -3.08
C THR B 91 -0.70 -8.73 -2.39
N PRO B 92 -0.90 -8.83 -1.04
CA PRO B 92 -2.27 -8.64 -0.51
C PRO B 92 -2.95 -7.30 -0.80
N THR B 93 -2.18 -6.22 -0.95
CA THR B 93 -2.75 -4.97 -1.43
C THR B 93 -3.29 -5.13 -2.84
N GLY B 94 -2.57 -5.89 -3.68
CA GLY B 94 -2.98 -6.05 -5.05
C GLY B 94 -4.21 -6.93 -5.21
N VAL B 95 -4.52 -7.75 -4.19
CA VAL B 95 -5.74 -8.54 -4.31
C VAL B 95 -6.89 -7.88 -3.57
N LEU B 96 -6.61 -7.02 -2.60
CA LEU B 96 -7.71 -6.25 -2.02
C LEU B 96 -8.15 -5.10 -2.91
N LYS B 97 -7.22 -4.52 -3.65
CA LYS B 97 -7.51 -3.42 -4.56
C LYS B 97 -8.41 -3.84 -5.72
N GLU B 98 -8.17 -4.99 -6.32
CA GLU B 98 -8.90 -5.35 -7.52
C GLU B 98 -10.00 -6.38 -7.29
N ALA B 99 -10.23 -6.79 -6.04
CA ALA B 99 -11.40 -7.61 -5.74
C ALA B 99 -12.35 -6.86 -4.84
N GLY B 100 -12.00 -5.63 -4.47
CA GLY B 100 -12.90 -4.76 -3.73
C GLY B 100 -13.08 -5.06 -2.25
N SER B 101 -13.35 -6.31 -1.92
CA SER B 101 -13.78 -6.70 -0.59
C SER B 101 -12.82 -7.66 0.09
N PRO B 102 -12.80 -7.70 1.43
CA PRO B 102 -12.10 -8.78 2.15
C PRO B 102 -12.58 -10.18 1.80
N GLY B 103 -13.88 -10.36 1.65
CA GLY B 103 -14.45 -11.67 1.38
C GLY B 103 -14.04 -12.25 0.04
N LEU B 104 -14.15 -11.45 -1.02
CA LEU B 104 -13.73 -11.89 -2.34
C LEU B 104 -12.22 -12.11 -2.39
N ALA B 105 -11.46 -11.31 -1.63
CA ALA B 105 -10.01 -11.50 -1.56
C ALA B 105 -9.64 -12.84 -0.95
N LEU B 106 -10.31 -13.19 0.16
CA LEU B 106 -10.00 -14.44 0.83
C LEU B 106 -10.44 -15.65 0.01
N VAL B 107 -11.54 -15.50 -0.74
CA VAL B 107 -11.93 -16.55 -1.67
C VAL B 107 -10.93 -16.67 -2.82
N VAL B 108 -10.34 -15.55 -3.24
CA VAL B 108 -9.33 -15.59 -4.30
C VAL B 108 -8.09 -16.34 -3.84
N TRP B 109 -7.68 -16.11 -2.59
CA TRP B 109 -6.55 -16.84 -2.02
C TRP B 109 -6.83 -18.34 -1.96
N ALA B 110 -8.04 -18.73 -1.53
CA ALA B 110 -8.37 -20.16 -1.46
C ALA B 110 -8.49 -20.79 -2.84
N ALA B 111 -8.94 -20.03 -3.83
CA ALA B 111 -9.08 -20.56 -5.18
C ALA B 111 -7.73 -20.80 -5.82
N CYS B 112 -6.81 -19.85 -5.63
CA CYS B 112 -5.43 -20.04 -6.10
C CYS B 112 -4.79 -21.25 -5.42
N GLY B 113 -5.08 -21.45 -4.14
CA GLY B 113 -4.61 -22.62 -3.43
C GLY B 113 -5.04 -23.95 -4.02
N VAL B 114 -6.34 -24.10 -4.28
CA VAL B 114 -6.80 -25.40 -4.80
C VAL B 114 -6.38 -25.60 -6.25
N PHE B 115 -6.21 -24.50 -6.99
CA PHE B 115 -5.70 -24.59 -8.35
C PHE B 115 -4.27 -25.14 -8.37
N SER B 116 -3.42 -24.60 -7.49
CA SER B 116 -2.04 -25.06 -7.41
C SER B 116 -1.94 -26.50 -6.91
N ILE B 117 -2.85 -26.89 -6.01
CA ILE B 117 -2.83 -28.27 -5.50
C ILE B 117 -3.18 -29.27 -6.61
N VAL B 118 -4.18 -28.95 -7.43
CA VAL B 118 -4.57 -29.85 -8.51
C VAL B 118 -3.45 -29.97 -9.55
N GLY B 119 -2.84 -28.84 -9.91
CA GLY B 119 -1.76 -28.89 -10.87
C GLY B 119 -0.54 -29.63 -10.37
N ALA B 120 -0.28 -29.57 -9.06
CA ALA B 120 0.88 -30.24 -8.53
C ALA B 120 0.67 -31.73 -8.43
N LEU B 121 -0.57 -32.16 -8.22
CA LEU B 121 -0.81 -33.61 -8.22
C LEU B 121 -0.64 -34.19 -9.62
N CYS B 122 -1.06 -33.45 -10.64
CA CYS B 122 -0.76 -33.85 -12.01
C CYS B 122 0.74 -33.90 -12.28
N TYR B 123 1.49 -32.96 -11.70
CA TYR B 123 2.95 -33.02 -11.90
C TYR B 123 3.61 -34.15 -11.13
N ALA B 124 3.01 -34.56 -10.01
CA ALA B 124 3.57 -35.67 -9.25
C ALA B 124 3.48 -36.96 -10.04
N GLU B 125 2.33 -37.21 -10.66
CA GLU B 125 2.24 -38.44 -11.44
C GLU B 125 3.00 -38.32 -12.77
N LEU B 126 3.13 -37.10 -13.30
CA LEU B 126 4.02 -36.89 -14.45
C LEU B 126 5.47 -37.21 -14.12
N GLY B 127 5.96 -36.70 -12.99
CA GLY B 127 7.34 -36.89 -12.62
C GLY B 127 7.68 -38.30 -12.19
N THR B 128 6.69 -39.04 -11.69
CA THR B 128 6.96 -40.47 -11.49
C THR B 128 6.82 -41.27 -12.78
N THR B 129 6.11 -40.76 -13.79
CA THR B 129 6.10 -41.47 -15.06
C THR B 129 7.42 -41.33 -15.80
N ILE B 130 7.76 -40.10 -16.20
CA ILE B 130 9.03 -39.83 -16.85
C ILE B 130 10.02 -39.42 -15.78
N SER B 131 10.65 -40.39 -15.12
CA SER B 131 11.41 -40.08 -13.93
C SER B 131 12.81 -39.57 -14.22
N LYS B 132 12.92 -38.47 -14.96
CA LYS B 132 14.21 -37.89 -15.26
C LYS B 132 14.19 -36.43 -14.88
N SER B 133 15.38 -35.85 -14.71
CA SER B 133 15.54 -34.51 -14.19
C SER B 133 15.11 -33.45 -15.18
N GLY B 134 15.01 -32.21 -14.73
CA GLY B 134 14.64 -31.12 -15.58
C GLY B 134 13.18 -31.10 -15.99
N GLY B 135 12.27 -31.32 -15.06
CA GLY B 135 10.84 -31.42 -15.33
C GLY B 135 10.25 -30.20 -15.99
N ASP B 136 9.16 -30.39 -16.75
CA ASP B 136 8.38 -29.41 -17.53
C ASP B 136 9.14 -28.98 -18.79
N TYR B 137 10.41 -29.34 -18.90
CA TYR B 137 11.15 -29.26 -20.15
C TYR B 137 11.44 -30.65 -20.66
N ALA B 138 11.70 -31.60 -19.77
CA ALA B 138 11.87 -32.97 -20.17
C ALA B 138 10.55 -33.57 -20.62
N TYR B 139 9.44 -33.08 -20.07
CA TYR B 139 8.14 -33.66 -20.42
C TYR B 139 7.69 -33.20 -21.79
N MET B 140 8.02 -31.98 -22.19
CA MET B 140 7.69 -31.53 -23.53
C MET B 140 8.64 -32.10 -24.57
N LEU B 141 9.87 -32.39 -24.18
CA LEU B 141 10.85 -33.03 -25.04
C LEU B 141 10.51 -34.49 -25.30
N GLU B 142 9.87 -35.14 -24.35
CA GLU B 142 9.39 -36.51 -24.53
C GLU B 142 8.19 -36.60 -25.45
N VAL B 143 7.33 -35.58 -25.49
CA VAL B 143 6.08 -35.68 -26.19
C VAL B 143 6.13 -34.91 -27.51
N TYR B 144 6.52 -33.64 -27.47
CA TYR B 144 6.44 -32.79 -28.64
C TYR B 144 7.75 -32.67 -29.42
N GLY B 145 8.85 -33.20 -28.90
CA GLY B 145 10.10 -33.20 -29.64
C GLY B 145 10.95 -31.98 -29.38
N SER B 146 11.96 -31.81 -30.22
CA SER B 146 13.08 -30.90 -29.99
C SER B 146 12.72 -29.42 -29.99
N LEU B 147 12.07 -28.95 -31.04
CA LEU B 147 11.85 -27.52 -31.25
C LEU B 147 10.95 -26.82 -30.22
N PRO B 148 9.76 -27.33 -29.84
CA PRO B 148 9.01 -26.60 -28.80
C PRO B 148 9.65 -26.71 -27.43
N ALA B 149 10.40 -27.79 -27.19
CA ALA B 149 11.17 -27.90 -25.97
C ALA B 149 12.26 -26.84 -25.92
N PHE B 150 12.88 -26.55 -27.07
CA PHE B 150 13.89 -25.50 -27.09
C PHE B 150 13.25 -24.14 -26.86
N LEU B 151 12.04 -23.94 -27.36
CA LEU B 151 11.38 -22.65 -27.15
C LEU B 151 11.03 -22.44 -25.68
N LYS B 152 10.60 -23.49 -25.00
CA LYS B 152 10.34 -23.41 -23.57
C LYS B 152 11.62 -23.16 -22.79
N LEU B 153 12.69 -23.86 -23.16
CA LEU B 153 13.99 -23.65 -22.52
C LEU B 153 14.53 -22.24 -22.77
N TRP B 154 14.34 -21.70 -23.96
CA TRP B 154 14.86 -20.38 -24.29
C TRP B 154 14.13 -19.28 -23.56
N ILE B 155 12.83 -19.43 -23.34
CA ILE B 155 12.14 -18.42 -22.57
C ILE B 155 12.41 -18.57 -21.07
N GLU B 156 12.57 -19.80 -20.59
CA GLU B 156 12.88 -20.01 -19.18
C GLU B 156 14.27 -19.50 -18.82
N LEU B 157 15.21 -19.56 -19.76
CA LEU B 157 16.59 -19.15 -19.56
C LEU B 157 16.76 -17.65 -19.59
N LEU B 158 16.00 -16.96 -20.41
CA LEU B 158 16.25 -15.57 -20.70
C LEU B 158 15.38 -14.62 -19.90
N ILE B 159 14.19 -15.03 -19.49
CA ILE B 159 13.26 -14.12 -18.83
C ILE B 159 12.74 -14.66 -17.51
N ILE B 160 12.25 -15.89 -17.51
CA ILE B 160 11.42 -16.37 -16.39
C ILE B 160 12.24 -16.56 -15.12
N ARG B 161 13.32 -17.33 -15.20
CA ARG B 161 14.12 -17.59 -14.01
C ARG B 161 14.90 -16.36 -13.53
N PRO B 162 15.70 -15.64 -14.39
CA PRO B 162 16.39 -14.47 -13.82
C PRO B 162 15.56 -13.22 -13.79
N SER B 163 14.29 -13.31 -13.42
CA SER B 163 13.51 -12.14 -13.06
C SER B 163 12.87 -12.48 -11.74
N SER B 164 12.45 -13.72 -11.64
CA SER B 164 11.87 -14.21 -10.40
C SER B 164 12.93 -14.35 -9.33
N GLN B 165 14.19 -14.54 -9.71
CA GLN B 165 15.21 -14.51 -8.68
C GLN B 165 15.54 -13.09 -8.25
N TYR B 166 15.61 -12.17 -9.19
CA TYR B 166 16.03 -10.81 -8.89
C TYR B 166 14.96 -10.03 -8.14
N ILE B 167 13.69 -10.31 -8.41
CA ILE B 167 12.59 -9.67 -7.69
C ILE B 167 12.65 -10.02 -6.22
N VAL B 168 12.87 -11.29 -5.91
CA VAL B 168 12.88 -11.72 -4.53
C VAL B 168 14.15 -11.25 -3.83
N ALA B 169 15.26 -11.17 -4.57
CA ALA B 169 16.47 -10.60 -3.98
C ALA B 169 16.29 -9.12 -3.63
N LEU B 170 15.61 -8.36 -4.50
CA LEU B 170 15.36 -6.95 -4.23
C LEU B 170 14.42 -6.76 -3.06
N VAL B 171 13.44 -7.65 -2.90
CA VAL B 171 12.52 -7.55 -1.78
C VAL B 171 13.24 -7.87 -0.46
N PHE B 172 14.18 -8.83 -0.51
CA PHE B 172 15.05 -9.12 0.63
C PHE B 172 15.82 -7.89 1.06
N ALA B 173 16.40 -7.19 0.09
CA ALA B 173 17.23 -6.03 0.38
C ALA B 173 16.42 -4.89 0.99
N THR B 174 15.26 -4.58 0.39
CA THR B 174 14.47 -3.46 0.89
C THR B 174 13.89 -3.75 2.26
N TYR B 175 13.40 -4.97 2.49
CA TYR B 175 12.81 -5.23 3.78
C TYR B 175 13.86 -5.50 4.85
N LEU B 176 15.10 -5.74 4.46
CA LEU B 176 16.13 -5.80 5.48
C LEU B 176 16.65 -4.42 5.83
N LEU B 177 16.65 -3.49 4.88
CA LEU B 177 17.09 -2.14 5.19
C LEU B 177 15.99 -1.24 5.72
N LYS B 178 14.73 -1.71 5.73
CA LYS B 178 13.60 -0.94 6.24
C LYS B 178 13.70 -0.43 7.68
N PRO B 179 14.31 -1.14 8.67
CA PRO B 179 14.39 -0.52 10.00
C PRO B 179 15.34 0.65 10.15
N LEU B 180 16.12 0.98 9.11
CA LEU B 180 16.94 2.17 9.17
C LEU B 180 16.27 3.39 8.56
N PHE B 181 15.25 3.19 7.74
CA PHE B 181 14.53 4.29 7.09
C PHE B 181 13.05 4.01 7.26
N PRO B 182 12.50 4.23 8.47
CA PRO B 182 11.13 3.77 8.77
C PRO B 182 10.05 4.46 7.96
N THR B 183 10.00 5.79 8.01
CA THR B 183 9.05 6.54 7.20
C THR B 183 9.70 7.14 5.96
N CYS B 184 10.35 6.32 5.16
CA CYS B 184 11.11 6.76 4.00
C CYS B 184 11.19 5.71 2.92
N PRO B 185 11.42 6.10 1.67
CA PRO B 185 11.89 5.13 0.69
C PRO B 185 13.36 4.85 0.92
N VAL B 186 13.73 3.58 0.99
CA VAL B 186 15.11 3.13 1.15
C VAL B 186 15.88 3.49 -0.13
N PRO B 187 17.12 3.99 -0.03
CA PRO B 187 17.85 4.38 -1.25
C PRO B 187 18.12 3.22 -2.18
N GLU B 188 17.84 3.43 -3.47
CA GLU B 188 17.67 2.32 -4.40
C GLU B 188 19.00 1.71 -4.81
N GLU B 189 20.08 2.48 -4.78
CA GLU B 189 21.38 1.93 -5.15
C GLU B 189 21.89 0.98 -4.09
N ALA B 190 21.64 1.29 -2.82
CA ALA B 190 22.03 0.38 -1.75
C ALA B 190 21.20 -0.89 -1.79
N ALA B 191 19.94 -0.78 -2.20
CA ALA B 191 19.09 -1.95 -2.35
C ALA B 191 19.59 -2.85 -3.46
N LYS B 192 20.00 -2.25 -4.59
CA LYS B 192 20.52 -3.05 -5.69
C LYS B 192 21.82 -3.73 -5.33
N LEU B 193 22.68 -3.04 -4.59
CA LEU B 193 23.95 -3.64 -4.17
C LEU B 193 23.74 -4.79 -3.19
N VAL B 194 22.81 -4.64 -2.25
CA VAL B 194 22.59 -5.71 -1.29
C VAL B 194 21.93 -6.91 -1.96
N ALA B 195 21.08 -6.67 -2.96
CA ALA B 195 20.50 -7.78 -3.71
C ALA B 195 21.55 -8.57 -4.48
N CYS B 196 22.49 -7.86 -5.12
CA CYS B 196 23.57 -8.54 -5.82
C CYS B 196 24.48 -9.29 -4.86
N LEU B 197 24.66 -8.76 -3.65
CA LEU B 197 25.45 -9.48 -2.65
C LEU B 197 24.79 -10.79 -2.23
N CYS B 198 23.46 -10.77 -2.08
CA CYS B 198 22.71 -11.97 -1.76
C CYS B 198 22.86 -13.04 -2.83
N VAL B 199 22.72 -12.64 -4.09
CA VAL B 199 22.80 -13.59 -5.20
C VAL B 199 24.19 -14.20 -5.31
N LEU B 200 25.23 -13.36 -5.19
CA LEU B 200 26.59 -13.86 -5.34
C LEU B 200 26.99 -14.78 -4.19
N LEU B 201 26.54 -14.47 -2.97
CA LEU B 201 26.88 -15.32 -1.84
C LEU B 201 26.19 -16.68 -1.94
N LEU B 202 24.92 -16.70 -2.36
CA LEU B 202 24.24 -17.99 -2.45
C LEU B 202 24.76 -18.81 -3.62
N THR B 203 25.25 -18.15 -4.68
CA THR B 203 25.91 -18.88 -5.75
C THR B 203 27.20 -19.53 -5.27
N ALA B 204 27.98 -18.82 -4.44
CA ALA B 204 29.19 -19.43 -3.89
C ALA B 204 28.88 -20.61 -2.98
N VAL B 205 27.83 -20.49 -2.17
CA VAL B 205 27.46 -21.59 -1.28
C VAL B 205 26.98 -22.80 -2.07
N ASN B 206 26.23 -22.56 -3.15
CA ASN B 206 25.77 -23.67 -3.99
C ASN B 206 26.90 -24.29 -4.79
N CYS B 207 27.89 -23.50 -5.19
CA CYS B 207 29.05 -24.06 -5.89
C CYS B 207 29.95 -24.84 -4.96
N TYR B 208 29.90 -24.54 -3.66
CA TYR B 208 30.74 -25.28 -2.72
C TYR B 208 30.26 -26.71 -2.55
N SER B 209 29.05 -26.92 -2.06
CA SER B 209 28.60 -28.29 -1.88
C SER B 209 27.08 -28.34 -1.88
N VAL B 210 26.55 -29.51 -2.22
CA VAL B 210 25.10 -29.69 -2.25
C VAL B 210 24.50 -29.83 -0.87
N LYS B 211 25.24 -30.38 0.09
CA LYS B 211 24.71 -30.53 1.44
C LYS B 211 24.60 -29.20 2.17
N ALA B 212 25.51 -28.27 1.87
CA ALA B 212 25.46 -26.95 2.48
C ALA B 212 24.21 -26.20 2.07
N ALA B 213 23.84 -26.30 0.79
CA ALA B 213 22.66 -25.61 0.28
C ALA B 213 21.39 -26.19 0.88
N THR B 214 21.37 -27.50 1.12
CA THR B 214 20.21 -28.10 1.74
C THR B 214 20.10 -27.72 3.21
N ARG B 215 21.23 -27.55 3.89
CA ARG B 215 21.19 -27.08 5.27
C ARG B 215 20.69 -25.65 5.36
N VAL B 216 21.12 -24.80 4.42
CA VAL B 216 20.65 -23.43 4.32
C VAL B 216 19.14 -23.41 4.10
N GLN B 217 18.66 -24.27 3.19
CA GLN B 217 17.24 -24.34 2.89
C GLN B 217 16.42 -24.78 4.09
N ASP B 218 16.95 -25.75 4.86
CA ASP B 218 16.27 -26.20 6.07
C ASP B 218 16.14 -25.10 7.10
N ALA B 219 17.25 -24.40 7.35
CA ALA B 219 17.27 -23.34 8.36
C ALA B 219 16.33 -22.21 8.01
N PHE B 220 16.33 -21.80 6.75
CA PHE B 220 15.51 -20.64 6.40
C PHE B 220 14.05 -21.01 6.20
N ALA B 221 13.76 -22.27 5.86
CA ALA B 221 12.37 -22.71 5.83
C ALA B 221 11.78 -22.75 7.23
N ALA B 222 12.55 -23.23 8.20
CA ALA B 222 12.11 -23.22 9.58
C ALA B 222 11.91 -21.80 10.09
N ALA B 223 12.83 -20.90 9.71
CA ALA B 223 12.75 -19.51 10.14
C ALA B 223 11.49 -18.83 9.60
N LYS B 224 11.20 -19.02 8.31
CA LYS B 224 10.03 -18.37 7.75
C LYS B 224 8.73 -18.98 8.25
N LEU B 225 8.74 -20.26 8.63
CA LEU B 225 7.54 -20.85 9.18
C LEU B 225 7.25 -20.32 10.59
N LEU B 226 8.30 -20.15 11.40
CA LEU B 226 8.10 -19.56 12.72
C LEU B 226 7.66 -18.11 12.62
N ALA B 227 8.25 -17.37 11.68
CA ALA B 227 7.86 -16.00 11.43
C ALA B 227 6.41 -15.86 10.98
N LEU B 228 5.88 -16.82 10.24
CA LEU B 228 4.46 -16.74 9.90
C LEU B 228 3.55 -17.21 11.01
N ALA B 229 3.98 -18.17 11.82
CA ALA B 229 3.19 -18.56 12.98
C ALA B 229 3.04 -17.45 14.00
N LEU B 230 4.05 -16.60 14.15
CA LEU B 230 3.94 -15.41 14.98
C LEU B 230 2.85 -14.46 14.52
N ILE B 231 2.85 -14.07 13.25
CA ILE B 231 1.81 -13.22 12.68
C ILE B 231 0.44 -13.87 12.74
N ILE B 232 0.35 -15.18 12.66
CA ILE B 232 -0.93 -15.87 12.80
C ILE B 232 -1.50 -15.76 14.21
N LEU B 233 -0.70 -16.09 15.24
CA LEU B 233 -1.32 -16.15 16.56
C LEU B 233 -1.49 -14.76 17.15
N LEU B 234 -0.75 -13.76 16.64
CA LEU B 234 -1.03 -12.38 17.03
C LEU B 234 -2.41 -11.94 16.56
N GLY B 235 -2.76 -12.28 15.33
CA GLY B 235 -4.09 -11.95 14.84
C GLY B 235 -5.17 -12.79 15.48
N PHE B 236 -4.81 -13.97 15.98
CA PHE B 236 -5.78 -14.73 16.77
C PHE B 236 -6.03 -14.10 18.13
N VAL B 237 -4.98 -13.58 18.78
CA VAL B 237 -5.19 -13.01 20.11
C VAL B 237 -5.87 -11.65 19.98
N GLN B 238 -5.75 -11.02 18.80
CA GLN B 238 -6.53 -9.81 18.53
C GLN B 238 -8.02 -10.13 18.46
N ILE B 239 -8.38 -11.28 17.90
CA ILE B 239 -9.76 -11.75 17.95
C ILE B 239 -10.15 -12.10 19.38
N GLY B 240 -9.22 -12.69 20.13
CA GLY B 240 -9.51 -13.10 21.49
C GLY B 240 -9.70 -11.94 22.45
N LYS B 241 -9.19 -10.76 22.08
CA LYS B 241 -9.40 -9.57 22.90
C LYS B 241 -10.81 -9.00 22.74
N GLY B 242 -11.60 -9.53 21.81
CA GLY B 242 -13.01 -9.23 21.73
C GLY B 242 -13.36 -7.86 21.20
N ASP B 243 -12.53 -7.32 20.31
CA ASP B 243 -12.86 -6.12 19.54
C ASP B 243 -12.73 -6.50 18.07
N VAL B 244 -13.78 -7.15 17.58
CA VAL B 244 -13.73 -7.78 16.26
C VAL B 244 -14.42 -6.82 15.29
N SER B 245 -13.62 -5.88 14.78
CA SER B 245 -14.14 -4.82 13.91
C SER B 245 -14.55 -5.36 12.55
N ASN B 246 -13.59 -5.90 11.79
CA ASN B 246 -13.92 -6.56 10.55
C ASN B 246 -14.15 -8.03 10.87
N LEU B 247 -14.42 -8.85 9.84
CA LEU B 247 -14.71 -10.28 9.92
C LEU B 247 -15.94 -10.63 10.75
N ASP B 248 -16.80 -9.66 11.03
CA ASP B 248 -18.12 -10.01 11.54
C ASP B 248 -18.95 -10.53 10.37
N PRO B 249 -19.69 -11.63 10.53
CA PRO B 249 -20.35 -12.24 9.38
C PRO B 249 -21.65 -11.56 8.98
N ASN B 250 -21.64 -10.24 8.92
CA ASN B 250 -22.71 -9.48 8.28
C ASN B 250 -22.11 -8.50 7.28
N PHE B 251 -21.00 -7.85 7.63
CA PHE B 251 -20.48 -6.88 6.69
C PHE B 251 -19.73 -7.60 5.57
N SER B 252 -18.46 -7.95 5.83
CA SER B 252 -17.70 -9.05 5.23
C SER B 252 -17.58 -9.08 3.70
N PHE B 253 -18.46 -8.40 2.98
CA PHE B 253 -18.59 -8.63 1.56
C PHE B 253 -18.93 -7.38 0.76
N GLU B 254 -19.14 -6.22 1.38
CA GLU B 254 -19.49 -5.04 0.60
C GLU B 254 -18.26 -4.50 -0.09
N GLY B 255 -18.45 -4.02 -1.32
CA GLY B 255 -17.34 -3.69 -2.20
C GLY B 255 -16.98 -4.79 -3.17
N THR B 256 -17.53 -6.00 -2.98
CA THR B 256 -17.40 -7.08 -3.96
C THR B 256 -17.97 -6.64 -5.29
N LYS B 257 -17.10 -6.45 -6.28
CA LYS B 257 -17.58 -5.61 -7.38
C LYS B 257 -18.45 -6.38 -8.37
N LEU B 258 -17.82 -7.03 -9.37
CA LEU B 258 -18.30 -8.09 -10.26
C LEU B 258 -17.18 -8.23 -11.27
N ASP B 259 -17.53 -8.66 -12.50
CA ASP B 259 -16.74 -8.34 -13.70
C ASP B 259 -15.41 -9.04 -13.73
N VAL B 260 -15.41 -10.33 -14.09
CA VAL B 260 -14.26 -11.21 -14.14
C VAL B 260 -13.04 -10.61 -14.83
N GLY B 261 -13.27 -9.73 -15.81
CA GLY B 261 -12.25 -8.95 -16.49
C GLY B 261 -11.23 -8.22 -15.63
N ASN B 262 -11.56 -7.88 -14.37
CA ASN B 262 -10.53 -7.38 -13.47
C ASN B 262 -10.18 -8.33 -12.34
N ILE B 263 -11.05 -9.30 -12.02
CA ILE B 263 -10.73 -10.21 -10.91
C ILE B 263 -9.65 -11.19 -11.34
N VAL B 264 -9.62 -11.51 -12.64
CA VAL B 264 -8.60 -12.31 -13.29
C VAL B 264 -7.23 -11.74 -12.98
N LEU B 265 -7.09 -10.42 -13.11
CA LEU B 265 -5.85 -9.75 -12.76
C LEU B 265 -5.53 -9.93 -11.30
N ALA B 266 -6.56 -9.85 -10.44
CA ALA B 266 -6.43 -10.21 -9.03
C ALA B 266 -5.96 -11.64 -8.86
N LEU B 267 -6.54 -12.56 -9.65
CA LEU B 267 -6.10 -13.95 -9.66
C LEU B 267 -4.62 -14.04 -10.00
N TYR B 268 -4.16 -13.24 -10.97
CA TYR B 268 -2.76 -13.23 -11.35
C TYR B 268 -1.86 -12.85 -10.19
N SER B 269 -2.31 -11.88 -9.38
CA SER B 269 -1.54 -11.49 -8.22
C SER B 269 -1.45 -12.63 -7.23
N GLY B 270 -2.57 -13.34 -7.02
CA GLY B 270 -2.56 -14.49 -6.14
C GLY B 270 -1.68 -15.61 -6.65
N LEU B 271 -1.61 -15.76 -7.98
CA LEU B 271 -0.80 -16.83 -8.52
C LEU B 271 0.67 -16.54 -8.35
N PHE B 272 1.03 -15.25 -8.20
CA PHE B 272 2.42 -14.91 -7.94
C PHE B 272 2.85 -15.42 -6.58
N ALA B 273 1.92 -15.54 -5.65
CA ALA B 273 2.34 -16.08 -4.36
C ALA B 273 2.43 -17.58 -4.37
N TYR B 274 2.08 -18.24 -5.45
CA TYR B 274 2.14 -19.69 -5.49
C TYR B 274 3.18 -20.19 -6.47
N GLY B 275 3.98 -19.32 -7.05
CA GLY B 275 4.96 -19.71 -8.04
C GLY B 275 6.05 -20.55 -7.42
N GLY B 276 6.52 -21.56 -8.15
CA GLY B 276 7.47 -22.48 -7.60
C GLY B 276 6.87 -23.74 -7.02
N TRP B 277 5.63 -24.08 -7.37
CA TRP B 277 5.02 -25.29 -6.86
C TRP B 277 5.47 -26.53 -7.61
N ASN B 278 6.30 -26.38 -8.62
CA ASN B 278 6.74 -27.48 -9.45
C ASN B 278 8.26 -27.56 -9.59
N TYR B 279 9.00 -27.10 -8.59
CA TYR B 279 10.46 -27.01 -8.73
C TYR B 279 11.14 -28.30 -8.30
N LEU B 280 10.48 -29.07 -7.44
CA LEU B 280 11.00 -30.38 -7.09
C LEU B 280 10.99 -31.33 -8.27
N ASN B 281 10.14 -31.07 -9.26
CA ASN B 281 10.21 -31.79 -10.51
C ASN B 281 11.49 -31.47 -11.26
N PHE B 282 11.96 -30.23 -11.15
CA PHE B 282 13.20 -29.86 -11.80
C PHE B 282 14.39 -30.50 -11.14
N VAL B 283 14.33 -30.74 -9.84
CA VAL B 283 15.50 -31.26 -9.14
C VAL B 283 15.35 -32.75 -8.78
N THR B 284 14.53 -33.49 -9.52
CA THR B 284 14.60 -34.95 -9.37
C THR B 284 15.86 -35.45 -10.07
N GLU B 285 16.12 -36.77 -9.99
CA GLU B 285 17.40 -37.45 -10.22
C GLU B 285 18.46 -37.08 -9.19
N GLU B 286 18.11 -36.34 -8.16
CA GLU B 286 18.98 -36.12 -7.01
C GLU B 286 18.34 -36.69 -5.76
N MET B 287 17.12 -37.19 -5.84
CA MET B 287 16.39 -37.64 -4.67
C MET B 287 16.70 -39.08 -4.38
N ILE B 288 16.70 -39.41 -3.10
CA ILE B 288 16.82 -40.81 -2.69
C ILE B 288 15.40 -41.37 -2.72
N ASN B 289 15.22 -42.45 -3.49
CA ASN B 289 13.97 -43.15 -3.75
C ASN B 289 12.89 -42.21 -4.29
N PRO B 290 13.01 -41.72 -5.52
CA PRO B 290 12.06 -40.70 -5.97
C PRO B 290 10.77 -41.25 -6.54
N TYR B 291 10.18 -42.24 -5.88
CA TYR B 291 8.94 -42.84 -6.32
C TYR B 291 7.94 -42.76 -5.18
N ARG B 292 8.46 -42.87 -3.97
CA ARG B 292 7.71 -42.60 -2.75
C ARG B 292 7.85 -41.13 -2.40
N ASN B 293 9.07 -40.63 -2.49
CA ASN B 293 9.44 -39.37 -1.86
C ASN B 293 8.97 -38.14 -2.63
N LEU B 294 8.92 -38.20 -3.96
CA LEU B 294 8.45 -37.03 -4.69
C LEU B 294 6.95 -36.77 -4.52
N PRO B 295 6.02 -37.77 -4.71
CA PRO B 295 4.63 -37.48 -4.38
C PRO B 295 4.40 -37.24 -2.90
N LEU B 296 5.18 -37.90 -2.03
CA LEU B 296 5.02 -37.66 -0.59
C LEU B 296 5.40 -36.23 -0.23
N ALA B 297 6.46 -35.70 -0.87
CA ALA B 297 6.93 -34.36 -0.59
C ALA B 297 5.94 -33.31 -1.07
N ILE B 298 5.37 -33.54 -2.25
CA ILE B 298 4.39 -32.60 -2.79
C ILE B 298 3.11 -32.58 -1.95
N ILE B 299 2.63 -33.77 -1.58
CA ILE B 299 1.35 -33.89 -0.89
C ILE B 299 1.49 -33.45 0.57
N ILE B 300 2.71 -33.44 1.11
CA ILE B 300 2.90 -32.89 2.44
C ILE B 300 3.01 -31.39 2.31
N SER B 301 3.73 -30.91 1.28
CA SER B 301 4.14 -29.51 1.25
C SER B 301 3.02 -28.54 0.89
N LEU B 302 2.20 -28.84 -0.10
CA LEU B 302 1.28 -27.77 -0.53
C LEU B 302 0.03 -27.42 0.30
N PRO B 303 -0.69 -28.37 0.96
CA PRO B 303 -1.79 -27.95 1.82
C PRO B 303 -1.36 -27.08 2.99
N ILE B 304 -0.13 -27.32 3.46
CA ILE B 304 0.47 -26.50 4.52
C ILE B 304 0.60 -25.06 4.05
N VAL B 305 1.05 -24.88 2.81
CA VAL B 305 1.26 -23.55 2.26
C VAL B 305 -0.06 -22.81 2.10
N THR B 306 -1.09 -23.47 1.54
CA THR B 306 -2.35 -22.75 1.33
C THR B 306 -3.07 -22.47 2.65
N LEU B 307 -2.89 -23.33 3.65
CA LEU B 307 -3.44 -23.09 4.97
C LEU B 307 -2.79 -21.88 5.65
N VAL B 308 -1.46 -21.82 5.58
CA VAL B 308 -0.72 -20.70 6.16
C VAL B 308 -1.07 -19.40 5.46
N TYR B 309 -1.31 -19.46 4.16
CA TYR B 309 -1.65 -18.25 3.40
C TYR B 309 -3.01 -17.70 3.79
N VAL B 310 -4.02 -18.57 3.91
CA VAL B 310 -5.36 -18.05 4.24
C VAL B 310 -5.41 -17.58 5.70
N LEU B 311 -4.68 -18.25 6.60
CA LEU B 311 -4.66 -17.78 7.99
C LEU B 311 -3.89 -16.47 8.13
N THR B 312 -2.84 -16.27 7.33
CA THR B 312 -2.09 -15.03 7.41
C THR B 312 -2.88 -13.86 6.85
N ASN B 313 -3.63 -14.09 5.76
CA ASN B 313 -4.48 -13.03 5.24
C ASN B 313 -5.61 -12.70 6.21
N LEU B 314 -6.12 -13.71 6.91
CA LEU B 314 -7.12 -13.46 7.96
C LEU B 314 -6.55 -12.61 9.08
N ALA B 315 -5.36 -12.97 9.57
CA ALA B 315 -4.74 -12.21 10.67
C ALA B 315 -4.35 -10.81 10.23
N TYR B 316 -4.10 -10.62 8.93
CA TYR B 316 -3.98 -9.26 8.40
C TYR B 316 -5.29 -8.51 8.50
N PHE B 317 -6.41 -9.20 8.22
CA PHE B 317 -7.69 -8.52 8.24
C PHE B 317 -8.23 -8.27 9.64
N THR B 318 -7.66 -8.92 10.67
CA THR B 318 -8.11 -8.68 12.04
C THR B 318 -7.55 -7.40 12.65
N THR B 319 -6.67 -6.69 11.96
CA THR B 319 -5.97 -5.61 12.62
C THR B 319 -6.11 -4.31 11.84
N LEU B 320 -6.07 -4.39 10.52
CA LEU B 320 -6.12 -3.20 9.70
C LEU B 320 -7.49 -3.06 9.07
N SER B 321 -7.83 -1.82 8.73
CA SER B 321 -9.04 -1.51 7.99
C SER B 321 -8.72 -1.52 6.50
N THR B 322 -9.76 -1.41 5.67
CA THR B 322 -9.59 -1.67 4.25
C THR B 322 -8.80 -0.59 3.52
N GLU B 323 -9.13 0.68 3.74
CA GLU B 323 -8.41 1.72 3.01
C GLU B 323 -7.02 1.96 3.59
N GLN B 324 -6.81 1.55 4.84
CA GLN B 324 -5.45 1.38 5.35
C GLN B 324 -4.65 0.44 4.46
N MET B 325 -5.22 -0.72 4.17
CA MET B 325 -4.53 -1.72 3.36
C MET B 325 -4.47 -1.32 1.90
N LEU B 326 -5.40 -0.51 1.41
CA LEU B 326 -5.24 -0.02 0.05
C LEU B 326 -4.22 1.10 -0.05
N SER B 327 -4.08 1.92 0.98
CA SER B 327 -3.17 3.05 0.94
C SER B 327 -1.77 2.68 1.40
N SER B 328 -1.58 1.48 1.96
CA SER B 328 -0.29 1.13 2.50
C SER B 328 0.64 0.61 1.42
N GLU B 329 1.93 0.64 1.72
CA GLU B 329 2.97 0.10 0.87
C GLU B 329 3.61 -1.14 1.47
N ALA B 330 3.37 -1.40 2.75
CA ALA B 330 3.90 -2.58 3.43
C ALA B 330 2.99 -2.97 4.57
N VAL B 331 2.17 -4.01 4.36
CA VAL B 331 1.16 -4.43 5.33
C VAL B 331 1.83 -5.04 6.55
N ALA B 332 2.97 -5.69 6.33
CA ALA B 332 3.69 -6.36 7.40
C ALA B 332 4.27 -5.39 8.41
N VAL B 333 4.78 -4.24 7.97
CA VAL B 333 5.34 -3.31 8.94
C VAL B 333 4.23 -2.57 9.66
N ASP B 334 3.03 -2.49 9.07
CA ASP B 334 1.88 -1.92 9.74
C ASP B 334 1.44 -2.86 10.86
N PHE B 335 1.37 -4.15 10.54
CA PHE B 335 1.12 -5.17 11.54
C PHE B 335 2.16 -5.17 12.65
N GLY B 336 3.42 -4.90 12.31
CA GLY B 336 4.46 -4.87 13.32
C GLY B 336 4.37 -3.66 14.22
N ASN B 337 4.07 -2.50 13.63
CA ASN B 337 3.97 -1.25 14.37
C ASN B 337 2.79 -1.28 15.32
N TYR B 338 1.64 -1.78 14.85
CA TYR B 338 0.42 -1.81 15.63
C TYR B 338 0.53 -2.72 16.84
N HIS B 339 1.22 -3.85 16.69
CA HIS B 339 1.14 -4.92 17.66
C HIS B 339 2.33 -4.98 18.61
N LEU B 340 3.45 -4.39 18.25
CA LEU B 340 4.61 -4.46 19.14
C LEU B 340 5.12 -3.06 19.45
N GLY B 341 5.23 -2.20 18.43
CA GLY B 341 5.66 -0.83 18.62
C GLY B 341 7.13 -0.71 18.94
N VAL B 342 7.51 -1.09 20.16
CA VAL B 342 8.88 -1.37 20.50
C VAL B 342 9.12 -2.82 20.14
N MET B 343 10.36 -3.15 19.73
CA MET B 343 10.71 -4.42 19.10
C MET B 343 9.88 -4.70 17.86
N SER B 344 9.47 -3.67 17.13
CA SER B 344 8.73 -3.84 15.89
C SER B 344 9.65 -3.92 14.69
N TRP B 345 10.96 -3.93 14.93
CA TRP B 345 11.96 -4.19 13.91
C TRP B 345 12.14 -5.68 13.64
N ILE B 346 11.34 -6.52 14.28
CA ILE B 346 11.44 -7.96 14.15
C ILE B 346 10.85 -8.45 12.85
N ILE B 347 9.70 -7.90 12.47
CA ILE B 347 8.93 -8.35 11.31
C ILE B 347 9.66 -8.19 9.97
N PRO B 348 10.20 -7.02 9.59
CA PRO B 348 10.83 -6.96 8.26
C PRO B 348 12.16 -7.70 8.19
N VAL B 349 12.81 -7.95 9.33
CA VAL B 349 13.97 -8.83 9.37
C VAL B 349 13.57 -10.24 8.96
N PHE B 350 12.44 -10.71 9.46
CA PHE B 350 11.98 -12.04 9.12
C PHE B 350 11.49 -12.12 7.68
N VAL B 351 10.96 -11.01 7.14
CA VAL B 351 10.63 -10.97 5.73
C VAL B 351 11.89 -11.12 4.88
N GLY B 352 12.97 -10.46 5.28
CA GLY B 352 14.24 -10.63 4.59
C GLY B 352 14.77 -12.05 4.65
N LEU B 353 14.59 -12.72 5.79
CA LEU B 353 15.03 -14.11 5.89
C LEU B 353 14.23 -15.03 4.98
N SER B 354 12.92 -14.77 4.86
CA SER B 354 12.08 -15.50 3.92
C SER B 354 12.57 -15.38 2.48
N CYS B 355 12.84 -14.16 2.05
CA CYS B 355 13.26 -13.97 0.66
C CYS B 355 14.65 -14.53 0.39
N PHE B 356 15.52 -14.54 1.41
CA PHE B 356 16.83 -15.19 1.28
C PHE B 356 16.69 -16.68 1.01
N GLY B 357 15.82 -17.36 1.78
CA GLY B 357 15.62 -18.78 1.57
C GLY B 357 15.04 -19.12 0.20
N SER B 358 14.10 -18.32 -0.28
CA SER B 358 13.49 -18.68 -1.56
C SER B 358 14.42 -18.39 -2.73
N VAL B 359 15.30 -17.40 -2.60
CA VAL B 359 16.30 -17.16 -3.65
C VAL B 359 17.27 -18.34 -3.72
N ASN B 360 17.64 -18.90 -2.57
CA ASN B 360 18.48 -20.10 -2.55
C ASN B 360 17.84 -21.26 -3.29
N GLY B 361 16.57 -21.51 -3.02
CA GLY B 361 15.87 -22.61 -3.69
C GLY B 361 15.77 -22.44 -5.19
N SER B 362 15.51 -21.22 -5.65
CA SER B 362 15.36 -20.99 -7.08
C SER B 362 16.67 -21.12 -7.83
N LEU B 363 17.78 -20.67 -7.23
CA LEU B 363 19.09 -20.87 -7.85
C LEU B 363 19.42 -22.35 -7.97
N PHE B 364 19.15 -23.10 -6.89
CA PHE B 364 19.39 -24.54 -6.86
C PHE B 364 18.65 -25.30 -7.96
N THR B 365 17.42 -24.89 -8.28
CA THR B 365 16.70 -25.62 -9.33
C THR B 365 17.03 -25.13 -10.74
N SER B 366 17.33 -23.83 -10.89
CA SER B 366 17.63 -23.31 -12.23
C SER B 366 18.93 -23.84 -12.77
N SER B 367 19.91 -24.08 -11.88
CA SER B 367 21.18 -24.66 -12.33
C SER B 367 20.98 -26.05 -12.91
N ARG B 368 20.10 -26.83 -12.31
CA ARG B 368 19.88 -28.19 -12.76
C ARG B 368 19.07 -28.23 -14.04
N LEU B 369 18.17 -27.25 -14.22
CA LEU B 369 17.46 -27.13 -15.49
C LEU B 369 18.41 -26.86 -16.64
N PHE B 370 19.35 -25.94 -16.45
CA PHE B 370 20.26 -25.63 -17.56
C PHE B 370 21.28 -26.75 -17.79
N PHE B 371 21.61 -27.50 -16.74
CA PHE B 371 22.38 -28.73 -16.86
C PHE B 371 21.69 -29.73 -17.81
N VAL B 372 20.44 -30.07 -17.48
CA VAL B 372 19.69 -31.05 -18.26
C VAL B 372 19.44 -30.58 -19.68
N GLY B 373 19.24 -29.27 -19.86
CA GLY B 373 19.12 -28.75 -21.21
C GLY B 373 20.41 -28.80 -22.00
N SER B 374 21.56 -28.77 -21.32
CA SER B 374 22.81 -28.90 -22.06
C SER B 374 23.07 -30.35 -22.44
N ARG B 375 22.59 -31.31 -21.64
CA ARG B 375 22.79 -32.71 -22.00
C ARG B 375 22.07 -33.13 -23.27
N GLU B 376 20.98 -32.44 -23.61
CA GLU B 376 20.20 -32.79 -24.78
C GLU B 376 20.71 -32.15 -26.05
N GLY B 377 21.72 -31.31 -25.96
CA GLY B 377 22.25 -30.66 -27.14
C GLY B 377 21.56 -29.38 -27.51
N HIS B 378 20.77 -28.80 -26.62
CA HIS B 378 20.13 -27.54 -26.90
C HIS B 378 20.94 -26.34 -26.44
N LEU B 379 21.82 -26.53 -25.48
CA LEU B 379 22.69 -25.49 -24.93
C LEU B 379 24.12 -25.89 -25.23
N PRO B 380 25.09 -24.98 -25.03
CA PRO B 380 26.49 -25.38 -25.23
C PRO B 380 26.98 -26.48 -24.30
N SER B 381 28.11 -27.08 -24.63
CA SER B 381 28.54 -28.29 -23.95
C SER B 381 29.31 -28.03 -22.68
N ILE B 382 29.65 -26.77 -22.39
CA ILE B 382 30.41 -26.47 -21.18
C ILE B 382 29.50 -26.53 -19.97
N LEU B 383 28.24 -26.17 -20.14
CA LEU B 383 27.23 -26.51 -19.16
C LEU B 383 27.03 -28.01 -19.29
N SER B 384 26.49 -28.65 -18.25
CA SER B 384 26.51 -30.10 -18.04
C SER B 384 27.92 -30.65 -18.00
N MET B 385 28.83 -29.93 -17.36
CA MET B 385 30.10 -30.48 -16.93
C MET B 385 30.21 -30.35 -15.43
N ILE B 386 30.59 -31.44 -14.78
CA ILE B 386 30.68 -31.50 -13.34
C ILE B 386 32.13 -31.32 -12.92
N HIS B 387 32.33 -30.64 -11.81
CA HIS B 387 33.66 -30.45 -11.28
C HIS B 387 33.91 -31.70 -10.44
N PRO B 388 35.10 -32.38 -10.67
CA PRO B 388 35.27 -33.58 -9.83
C PRO B 388 35.30 -33.24 -8.34
N GLN B 389 35.68 -34.20 -7.51
CA GLN B 389 35.74 -33.96 -6.07
C GLN B 389 34.50 -33.25 -5.56
N LEU B 390 34.47 -31.93 -5.73
CA LEU B 390 33.33 -31.13 -5.28
C LEU B 390 32.02 -31.77 -5.70
N LEU B 391 31.96 -32.19 -6.96
CA LEU B 391 30.76 -32.84 -7.49
C LEU B 391 29.58 -31.89 -7.64
N THR B 392 29.84 -30.67 -8.08
CA THR B 392 28.77 -29.69 -8.27
C THR B 392 28.85 -29.10 -9.67
N PRO B 393 27.72 -28.79 -10.29
CA PRO B 393 27.74 -28.20 -11.63
C PRO B 393 28.10 -26.72 -11.64
N VAL B 394 29.40 -26.45 -11.61
CA VAL B 394 29.88 -25.09 -11.44
C VAL B 394 29.55 -24.14 -12.60
N PRO B 395 29.79 -24.47 -13.88
CA PRO B 395 29.52 -23.45 -14.92
C PRO B 395 28.06 -23.13 -15.12
N SER B 396 27.17 -24.07 -14.81
CA SER B 396 25.75 -23.78 -14.89
C SER B 396 25.32 -22.81 -13.79
N LEU B 397 25.89 -22.94 -12.60
CA LEU B 397 25.59 -22.03 -11.51
C LEU B 397 26.13 -20.65 -11.80
N VAL B 398 27.32 -20.58 -12.40
CA VAL B 398 27.89 -19.29 -12.76
C VAL B 398 27.04 -18.60 -13.81
N PHE B 399 26.51 -19.38 -14.77
CA PHE B 399 25.66 -18.82 -15.81
C PHE B 399 24.35 -18.31 -15.23
N THR B 400 23.78 -19.04 -14.27
CA THR B 400 22.54 -18.61 -13.61
C THR B 400 22.74 -17.33 -12.82
N CYS B 401 23.87 -17.23 -12.11
CA CYS B 401 24.17 -16.04 -11.32
C CYS B 401 24.36 -14.82 -12.21
N VAL B 402 25.04 -14.99 -13.34
CA VAL B 402 25.31 -13.86 -14.23
C VAL B 402 24.02 -13.39 -14.90
N MET B 403 23.17 -14.32 -15.30
CA MET B 403 21.90 -13.94 -15.90
C MET B 403 20.98 -13.25 -14.89
N THR B 404 21.08 -13.62 -13.62
CA THR B 404 20.31 -12.93 -12.60
C THR B 404 20.84 -11.53 -12.35
N LEU B 405 22.17 -11.38 -12.26
CA LEU B 405 22.76 -10.07 -12.00
C LEU B 405 22.62 -9.12 -13.17
N LEU B 406 22.33 -9.60 -14.37
CA LEU B 406 22.09 -8.70 -15.48
C LEU B 406 20.79 -7.93 -15.37
N TYR B 407 19.88 -8.32 -14.49
CA TYR B 407 18.59 -7.66 -14.36
C TYR B 407 18.62 -6.52 -13.37
N ALA B 408 19.80 -6.12 -12.91
CA ALA B 408 19.94 -4.95 -12.06
C ALA B 408 19.97 -3.67 -12.87
N PHE B 409 19.91 -3.75 -14.18
CA PHE B 409 19.75 -2.57 -15.02
C PHE B 409 18.29 -2.22 -15.27
N SER B 410 17.36 -2.99 -14.73
CA SER B 410 15.94 -2.73 -14.93
C SER B 410 15.51 -1.63 -13.99
N LYS B 411 14.71 -0.70 -14.51
CA LYS B 411 14.15 0.35 -13.67
C LYS B 411 13.00 -0.23 -12.83
N ASP B 412 12.18 -1.08 -13.43
CA ASP B 412 11.15 -1.83 -12.72
C ASP B 412 10.86 -3.08 -13.53
N ILE B 413 11.29 -4.23 -13.02
CA ILE B 413 11.04 -5.50 -13.67
C ILE B 413 9.81 -6.20 -13.10
N PHE B 414 9.09 -5.55 -12.20
CA PHE B 414 7.84 -6.14 -11.74
C PHE B 414 6.69 -5.97 -12.75
N SER B 415 6.97 -5.46 -13.95
CA SER B 415 6.03 -5.36 -15.04
C SER B 415 6.30 -6.34 -16.17
N VAL B 416 7.34 -7.15 -16.08
CA VAL B 416 7.59 -8.17 -17.10
C VAL B 416 6.65 -9.33 -16.84
N ILE B 417 6.18 -9.43 -15.60
CA ILE B 417 5.07 -10.31 -15.31
C ILE B 417 3.84 -9.56 -15.81
N ASN B 418 2.87 -10.33 -16.32
CA ASN B 418 1.69 -10.01 -17.15
C ASN B 418 2.06 -9.77 -18.61
N PHE B 419 3.35 -9.64 -18.91
CA PHE B 419 3.78 -9.71 -20.30
C PHE B 419 3.93 -11.15 -20.76
N PHE B 420 4.06 -12.08 -19.81
CA PHE B 420 4.51 -13.43 -20.13
C PHE B 420 3.82 -14.53 -19.36
N SER B 421 2.81 -14.24 -18.55
CA SER B 421 2.14 -15.28 -17.77
C SER B 421 1.39 -16.26 -18.65
N PHE B 422 0.92 -15.78 -19.80
CA PHE B 422 0.19 -16.61 -20.75
C PHE B 422 1.05 -17.74 -21.28
N PHE B 423 2.34 -17.49 -21.48
CA PHE B 423 3.22 -18.55 -21.97
C PHE B 423 3.52 -19.55 -20.87
N ASN B 424 3.61 -19.07 -19.63
CA ASN B 424 3.82 -19.92 -18.47
C ASN B 424 2.70 -20.94 -18.34
N TRP B 425 1.45 -20.45 -18.34
CA TRP B 425 0.32 -21.37 -18.21
C TRP B 425 0.11 -22.16 -19.50
N LEU B 426 0.60 -21.66 -20.63
CA LEU B 426 0.52 -22.41 -21.87
C LEU B 426 1.38 -23.65 -21.83
N CYS B 427 2.64 -23.51 -21.41
CA CYS B 427 3.51 -24.69 -21.33
C CYS B 427 3.10 -25.61 -20.19
N VAL B 428 2.52 -25.05 -19.12
CA VAL B 428 2.03 -25.89 -18.04
C VAL B 428 0.85 -26.75 -18.53
N ALA B 429 -0.05 -26.16 -19.32
CA ALA B 429 -1.16 -26.94 -19.83
C ALA B 429 -0.73 -27.91 -20.93
N LEU B 430 0.30 -27.54 -21.69
CA LEU B 430 0.80 -28.41 -22.74
C LEU B 430 1.42 -29.66 -22.17
N ALA B 431 2.09 -29.56 -21.02
CA ALA B 431 2.63 -30.76 -20.37
C ALA B 431 1.52 -31.71 -19.95
N ILE B 432 0.38 -31.18 -19.50
CA ILE B 432 -0.70 -32.02 -19.05
C ILE B 432 -1.42 -32.69 -20.23
N ILE B 433 -1.59 -31.94 -21.33
CA ILE B 433 -2.11 -32.53 -22.56
C ILE B 433 -1.21 -33.65 -23.05
N GLY B 434 0.11 -33.43 -22.98
CA GLY B 434 1.05 -34.47 -23.36
C GLY B 434 1.02 -35.68 -22.45
N MET B 435 0.73 -35.46 -21.16
CA MET B 435 0.57 -36.56 -20.23
C MET B 435 -0.64 -37.41 -20.58
N ILE B 436 -1.75 -36.76 -20.93
CA ILE B 436 -2.96 -37.49 -21.27
C ILE B 436 -2.78 -38.24 -22.59
N TRP B 437 -2.09 -37.64 -23.55
CA TRP B 437 -1.77 -38.28 -24.81
C TRP B 437 -0.84 -39.48 -24.61
N LEU B 438 0.09 -39.36 -23.68
CA LEU B 438 1.01 -40.43 -23.36
C LEU B 438 0.35 -41.55 -22.58
N ARG B 439 -0.73 -41.26 -21.86
CA ARG B 439 -1.50 -42.31 -21.20
C ARG B 439 -2.15 -43.25 -22.20
N HIS B 440 -2.50 -42.76 -23.39
CA HIS B 440 -3.09 -43.58 -24.44
C HIS B 440 -2.04 -44.11 -25.38
N ARG B 441 -1.28 -43.23 -26.03
CA ARG B 441 -0.35 -43.66 -27.06
C ARG B 441 1.05 -43.90 -26.48
N LYS B 442 1.11 -44.55 -25.30
CA LYS B 442 2.24 -45.31 -24.76
C LYS B 442 1.83 -46.07 -23.51
N PRO B 443 1.03 -47.13 -23.58
CA PRO B 443 0.74 -47.88 -22.36
C PRO B 443 1.79 -48.93 -22.05
N GLU B 444 3.07 -48.58 -22.17
CA GLU B 444 4.17 -49.52 -21.98
C GLU B 444 5.03 -49.07 -20.83
N LEU B 445 4.47 -48.24 -19.95
CA LEU B 445 5.20 -47.62 -18.87
C LEU B 445 4.63 -48.09 -17.56
N GLU B 446 5.40 -47.96 -16.50
CA GLU B 446 4.95 -48.29 -15.16
C GLU B 446 4.68 -46.99 -14.42
N ARG B 447 3.53 -46.93 -13.75
CA ARG B 447 3.06 -45.70 -13.10
C ARG B 447 2.81 -46.00 -11.64
N PRO B 448 3.66 -45.54 -10.73
CA PRO B 448 3.45 -45.83 -9.30
C PRO B 448 2.23 -45.12 -8.74
N ILE B 449 1.99 -43.90 -9.19
CA ILE B 449 0.78 -43.15 -8.85
C ILE B 449 0.12 -42.79 -10.16
N LYS B 450 -1.09 -43.29 -10.36
CA LYS B 450 -1.88 -43.01 -11.56
C LYS B 450 -3.09 -42.25 -11.05
N VAL B 451 -3.08 -40.94 -11.27
CA VAL B 451 -4.11 -40.09 -10.67
C VAL B 451 -5.41 -40.30 -11.42
N ASN B 452 -6.52 -40.05 -10.74
CA ASN B 452 -7.84 -40.06 -11.35
C ASN B 452 -7.90 -39.04 -12.48
N LEU B 453 -8.58 -39.39 -13.56
CA LEU B 453 -8.68 -38.48 -14.68
C LEU B 453 -9.77 -37.46 -14.35
N ALA B 454 -9.91 -36.44 -15.20
CA ALA B 454 -10.79 -35.27 -15.15
C ALA B 454 -10.31 -34.23 -14.15
N LEU B 455 -9.33 -34.58 -13.37
CA LEU B 455 -8.57 -33.62 -12.58
C LEU B 455 -7.56 -32.95 -13.53
N PRO B 456 -6.84 -33.70 -14.40
CA PRO B 456 -6.15 -33.01 -15.50
C PRO B 456 -7.07 -32.29 -16.48
N VAL B 457 -8.27 -32.81 -16.75
CA VAL B 457 -9.15 -32.17 -17.73
C VAL B 457 -9.60 -30.80 -17.22
N PHE B 458 -10.00 -30.73 -15.96
CA PHE B 458 -10.41 -29.46 -15.39
C PHE B 458 -9.23 -28.53 -15.23
N PHE B 459 -8.03 -29.09 -14.98
CA PHE B 459 -6.86 -28.22 -14.91
C PHE B 459 -6.52 -27.61 -16.26
N ILE B 460 -6.64 -28.39 -17.33
CA ILE B 460 -6.40 -27.88 -18.68
C ILE B 460 -7.43 -26.82 -19.05
N LEU B 461 -8.69 -27.03 -18.64
CA LEU B 461 -9.72 -26.05 -18.92
C LEU B 461 -9.48 -24.75 -18.16
N ALA B 462 -9.02 -24.84 -16.92
CA ALA B 462 -8.75 -23.65 -16.13
C ALA B 462 -7.55 -22.88 -16.69
N CYS B 463 -6.52 -23.60 -17.13
CA CYS B 463 -5.37 -22.93 -17.74
C CYS B 463 -5.76 -22.28 -19.06
N LEU B 464 -6.61 -22.94 -19.84
CA LEU B 464 -7.07 -22.38 -21.11
C LEU B 464 -7.92 -21.14 -20.88
N PHE B 465 -8.75 -21.16 -19.84
CA PHE B 465 -9.54 -20.00 -19.46
C PHE B 465 -8.65 -18.82 -19.11
N LEU B 466 -7.59 -19.07 -18.33
CA LEU B 466 -6.65 -18.03 -17.95
C LEU B 466 -5.93 -17.42 -19.15
N ILE B 467 -5.51 -18.27 -20.09
CA ILE B 467 -4.81 -17.79 -21.28
C ILE B 467 -5.72 -16.96 -22.15
N ALA B 468 -6.95 -17.44 -22.35
CA ALA B 468 -7.89 -16.77 -23.24
C ALA B 468 -8.35 -15.45 -22.67
N VAL B 469 -8.41 -15.34 -21.35
CA VAL B 469 -8.81 -14.06 -20.77
C VAL B 469 -7.61 -13.14 -20.65
N SER B 470 -6.40 -13.70 -20.75
CA SER B 470 -5.24 -12.81 -20.86
C SER B 470 -5.14 -12.19 -22.25
N PHE B 471 -5.57 -12.89 -23.28
CA PHE B 471 -5.52 -12.36 -24.65
C PHE B 471 -6.60 -11.29 -24.89
N TRP B 472 -7.53 -11.21 -23.96
CA TRP B 472 -8.71 -10.40 -24.21
C TRP B 472 -8.54 -8.99 -23.67
N LYS B 473 -8.22 -8.88 -22.38
CA LYS B 473 -8.17 -7.56 -21.75
C LYS B 473 -6.95 -6.79 -22.22
N THR B 474 -5.82 -7.47 -22.38
CA THR B 474 -4.56 -6.83 -22.74
C THR B 474 -3.90 -7.57 -23.89
N PRO B 475 -4.37 -7.35 -25.12
CA PRO B 475 -3.79 -8.10 -26.25
C PRO B 475 -2.43 -7.56 -26.68
N VAL B 476 -2.21 -6.26 -26.51
CA VAL B 476 -0.93 -5.67 -26.88
C VAL B 476 0.16 -6.05 -25.87
N GLU B 477 -0.24 -6.52 -24.69
CA GLU B 477 0.68 -7.12 -23.75
C GLU B 477 1.16 -8.45 -24.28
N CYS B 478 0.23 -9.29 -24.76
CA CYS B 478 0.58 -10.63 -25.19
C CYS B 478 1.29 -10.63 -26.53
N GLY B 479 1.09 -9.59 -27.33
CA GLY B 479 1.71 -9.51 -28.64
C GLY B 479 3.22 -9.44 -28.62
N ILE B 480 3.76 -8.54 -27.81
CA ILE B 480 5.21 -8.43 -27.68
C ILE B 480 5.79 -9.66 -27.00
N GLY B 481 5.01 -10.32 -26.16
CA GLY B 481 5.43 -11.59 -25.60
C GLY B 481 5.57 -12.66 -26.67
N PHE B 482 4.63 -12.68 -27.62
CA PHE B 482 4.69 -13.63 -28.72
C PHE B 482 5.88 -13.35 -29.63
N THR B 483 6.18 -12.07 -29.86
CA THR B 483 7.35 -11.73 -30.67
C THR B 483 8.63 -12.17 -29.99
N ILE B 484 8.71 -12.01 -28.67
CA ILE B 484 9.91 -12.44 -27.96
C ILE B 484 10.02 -13.96 -27.93
N ILE B 485 8.91 -14.69 -27.77
CA ILE B 485 9.03 -16.14 -27.74
C ILE B 485 9.26 -16.75 -29.12
N LEU B 486 8.98 -16.02 -30.20
CA LEU B 486 9.44 -16.52 -31.49
C LEU B 486 10.77 -15.93 -31.90
N SER B 487 11.34 -15.03 -31.09
CA SER B 487 12.68 -14.52 -31.35
C SER B 487 13.76 -15.56 -31.06
N GLY B 488 13.40 -16.70 -30.47
CA GLY B 488 14.39 -17.73 -30.23
C GLY B 488 14.56 -18.69 -31.38
N LEU B 489 13.77 -18.53 -32.43
CA LEU B 489 13.84 -19.43 -33.59
C LEU B 489 15.13 -19.34 -34.41
N PRO B 490 15.70 -18.15 -34.76
CA PRO B 490 17.00 -18.16 -35.44
C PRO B 490 18.11 -18.73 -34.58
N VAL B 491 17.99 -18.54 -33.27
CA VAL B 491 18.91 -19.12 -32.31
C VAL B 491 18.86 -20.63 -32.40
N TYR B 492 17.65 -21.19 -32.52
CA TYR B 492 17.48 -22.63 -32.58
C TYR B 492 18.07 -23.19 -33.85
N PHE B 493 17.80 -22.54 -34.99
CA PHE B 493 18.29 -23.08 -36.25
C PHE B 493 19.81 -23.00 -36.33
N PHE B 494 20.36 -21.85 -35.95
CA PHE B 494 21.81 -21.64 -35.88
C PHE B 494 22.50 -22.58 -34.92
N GLY B 495 21.85 -22.96 -33.83
CA GLY B 495 22.51 -23.81 -32.87
C GLY B 495 22.36 -25.30 -33.11
N VAL B 496 21.17 -25.74 -33.46
CA VAL B 496 20.88 -27.16 -33.45
C VAL B 496 20.75 -27.67 -34.88
N TRP B 497 20.19 -26.86 -35.77
CA TRP B 497 19.83 -27.42 -37.06
C TRP B 497 21.04 -27.41 -37.99
N TRP B 498 22.05 -26.62 -37.63
CA TRP B 498 23.20 -26.39 -38.49
C TRP B 498 24.38 -27.26 -38.13
N LYS B 499 24.15 -28.53 -37.79
CA LYS B 499 25.25 -29.48 -37.82
C LYS B 499 25.78 -29.57 -39.25
N ASN B 500 27.09 -29.87 -39.36
CA ASN B 500 27.98 -29.48 -40.45
C ASN B 500 28.04 -27.95 -40.45
N LYS B 501 28.55 -27.40 -39.35
CA LYS B 501 28.92 -25.99 -39.21
C LYS B 501 30.12 -25.69 -40.11
N PRO B 502 30.34 -24.43 -40.46
CA PRO B 502 31.60 -24.05 -41.13
C PRO B 502 32.78 -24.28 -40.20
N LYS B 503 33.94 -24.58 -40.80
CA LYS B 503 35.12 -25.01 -40.06
C LYS B 503 35.78 -23.85 -39.32
N TRP B 504 35.38 -22.62 -39.66
CA TRP B 504 35.93 -21.45 -38.98
C TRP B 504 35.49 -21.37 -37.53
N LEU B 505 34.35 -21.98 -37.19
CA LEU B 505 33.72 -21.70 -35.90
C LEU B 505 33.88 -22.86 -34.92
N LEU B 506 34.00 -24.08 -35.43
CA LEU B 506 34.10 -25.27 -34.59
C LEU B 506 35.38 -25.25 -33.76
N GLN B 507 36.47 -24.76 -34.36
CA GLN B 507 37.74 -24.70 -33.66
C GLN B 507 37.71 -23.64 -32.56
N GLY B 508 37.04 -22.52 -32.82
CA GLY B 508 36.92 -21.49 -31.80
C GLY B 508 36.04 -21.94 -30.65
N ILE B 509 34.98 -22.69 -30.96
CA ILE B 509 34.09 -23.20 -29.92
C ILE B 509 34.82 -24.22 -29.05
N PHE B 510 35.59 -25.11 -29.70
CA PHE B 510 36.41 -26.08 -28.97
C PHE B 510 37.44 -25.38 -28.10
N SER B 511 38.00 -24.28 -28.60
CA SER B 511 39.03 -23.54 -27.87
C SER B 511 38.46 -22.88 -26.63
N THR B 512 37.32 -22.20 -26.77
CA THR B 512 36.75 -21.52 -25.60
C THR B 512 36.15 -22.52 -24.61
N THR B 513 35.70 -23.68 -25.08
CA THR B 513 35.21 -24.70 -24.17
C THR B 513 36.35 -25.32 -23.36
N VAL B 514 37.47 -25.62 -24.00
CA VAL B 514 38.57 -26.22 -23.26
C VAL B 514 39.24 -25.17 -22.37
N LEU B 515 39.14 -23.88 -22.74
CA LEU B 515 39.64 -22.83 -21.86
C LEU B 515 38.81 -22.71 -20.60
N CYS B 516 37.48 -22.78 -20.75
CA CYS B 516 36.61 -22.73 -19.58
C CYS B 516 36.78 -23.97 -18.72
N GLN B 517 37.07 -25.10 -19.34
CA GLN B 517 37.35 -26.32 -18.56
C GLN B 517 38.64 -26.17 -17.76
N LYS B 518 39.66 -25.59 -18.38
CA LYS B 518 40.94 -25.44 -17.69
C LYS B 518 40.83 -24.41 -16.58
N LEU B 519 39.94 -23.43 -16.75
CA LEU B 519 39.68 -22.48 -15.67
C LEU B 519 38.96 -23.12 -14.50
N MET B 520 37.80 -23.74 -14.73
CA MET B 520 36.98 -24.20 -13.63
C MET B 520 37.27 -25.62 -13.16
N GLN B 521 38.11 -26.38 -13.87
CA GLN B 521 38.47 -27.77 -13.60
C GLN B 521 37.26 -28.69 -13.60
N VAL B 522 36.48 -28.66 -14.68
CA VAL B 522 35.25 -29.42 -14.78
C VAL B 522 35.39 -30.46 -15.89
N VAL B 523 34.87 -31.64 -15.65
CA VAL B 523 34.97 -32.76 -16.57
C VAL B 523 33.56 -33.13 -16.99
N PRO B 524 33.40 -33.80 -18.14
CA PRO B 524 32.05 -34.26 -18.52
C PRO B 524 31.47 -35.33 -17.62
N GLN B 525 30.18 -35.60 -17.79
CA GLN B 525 29.50 -36.59 -16.98
C GLN B 525 29.66 -37.98 -17.57
N GLU B 526 30.26 -38.89 -16.80
CA GLU B 526 30.48 -40.25 -17.24
C GLU B 526 30.94 -41.12 -16.07
N THR B 527 30.32 -42.29 -15.95
CA THR B 527 30.66 -43.22 -14.88
C THR B 527 30.04 -44.58 -15.11
C1 NAG C . -30.07 25.14 -9.75
C2 NAG C . -29.48 26.50 -9.40
C3 NAG C . -30.35 27.60 -9.99
C4 NAG C . -30.47 27.41 -11.50
C5 NAG C . -31.10 26.04 -11.77
C6 NAG C . -31.22 25.70 -13.23
C7 NAG C . -28.16 26.91 -7.37
C8 NAG C . -28.19 27.08 -5.88
N2 NAG C . -29.34 26.67 -7.96
O3 NAG C . -29.81 28.88 -9.67
O4 NAG C . -31.23 28.44 -12.12
O5 NAG C . -30.27 25.03 -11.18
O6 NAG C . -29.94 25.63 -13.85
O7 NAG C . -27.13 27.00 -8.00
C1 NAG C . -30.29 29.25 -12.87
C2 NAG C . -30.94 29.93 -14.08
C3 NAG C . -29.93 30.84 -14.78
C4 NAG C . -29.31 31.83 -13.80
C5 NAG C . -28.72 31.08 -12.60
C6 NAG C . -28.19 32.01 -11.54
C7 NAG C . -32.70 28.43 -14.90
C8 NAG C . -33.08 27.42 -15.95
N2 NAG C . -31.47 28.94 -15.00
O3 NAG C . -30.57 31.53 -15.85
O4 NAG C . -28.29 32.59 -14.43
O5 NAG C . -29.72 30.26 -11.99
O6 NAG C . -28.61 31.60 -10.24
O7 NAG C . -33.47 28.75 -14.01
C1 NAG D . -2.95 23.45 36.60
C2 NAG D . -1.59 23.16 35.97
C3 NAG D . -0.45 23.56 36.91
C4 NAG D . -0.65 24.93 37.56
C5 NAG D . -2.09 25.12 38.04
C6 NAG D . -2.43 26.53 38.45
C7 NAG D . -0.73 21.26 34.66
C8 NAG D . -0.76 19.77 34.49
N2 NAG D . -1.51 21.74 35.65
O3 NAG D . 0.77 23.54 36.19
O4 NAG D . 0.21 24.99 38.69
O5 NAG D . -3.00 24.79 36.98
O6 NAG D . -3.31 27.15 37.53
O7 NAG D . -0.04 21.98 33.96
C1 NAG D . 1.15 26.10 38.75
C2 NAG D . 2.60 25.60 38.62
C3 NAG D . 3.57 26.79 38.70
C4 NAG D . 3.19 27.85 37.68
C5 NAG D . 1.72 28.25 37.81
C6 NAG D . 1.26 29.22 36.73
C7 NAG D . 3.53 23.45 39.42
C8 NAG D . 3.91 23.16 38.00
N2 NAG D . 2.90 24.63 39.65
O3 NAG D . 4.89 26.34 38.49
O4 NAG D . 4.00 29.01 37.86
O5 NAG D . 0.89 27.09 37.70
O6 NAG D . 0.03 29.82 37.09
O7 NAG D . 3.76 22.66 40.34
C1 NAG E . -19.52 40.55 19.89
C2 NAG E . -18.90 41.89 19.49
C3 NAG E . -19.36 42.98 20.44
C4 NAG E . -20.88 43.08 20.39
C5 NAG E . -21.50 41.74 20.78
C6 NAG E . -23.00 41.71 20.58
C7 NAG E . -16.73 42.43 18.53
C8 NAG E . -15.24 42.31 18.64
N2 NAG E . -17.45 41.83 19.48
O3 NAG E . -18.80 44.23 20.06
O4 NAG E . -21.36 44.17 21.18
O5 NAG E . -20.97 40.69 19.95
O6 NAG E . -23.38 42.52 19.48
O7 NAG E . -17.25 43.05 17.61
C1 NAG E . -21.09 44.09 22.60
C2 NAG E . -20.58 45.43 23.12
C3 NAG E . -20.40 45.38 24.64
C4 NAG E . -21.69 44.91 25.31
C5 NAG E . -22.15 43.59 24.72
C6 NAG E . -23.49 43.14 25.25
C7 NAG E . -18.94 47.07 22.31
C8 NAG E . -17.62 47.27 21.62
N2 NAG E . -19.33 45.80 22.48
O3 NAG E . -20.05 46.66 25.13
O4 NAG E . -21.47 44.76 26.71
O5 NAG E . -22.30 43.72 23.29
O6 NAG E . -24.40 42.86 24.20
O7 NAG E . -19.61 48.01 22.71
C1 NAG F . 6.84 38.56 11.16
C2 NAG F . 7.28 39.46 12.30
C3 NAG F . 8.29 40.48 11.77
C4 NAG F . 9.45 39.77 11.07
C5 NAG F . 8.97 38.71 10.07
C6 NAG F . 10.08 37.81 9.60
C7 NAG F . 6.14 40.51 14.21
C8 NAG F . 4.90 41.19 14.68
N2 NAG F . 6.15 40.14 12.92
O3 NAG F . 8.78 41.26 12.85
O4 NAG F . 10.16 40.74 10.31
O5 NAG F . 7.98 37.85 10.67
O6 NAG F . 9.62 36.86 8.66
O7 NAG F . 7.10 40.30 14.95
C1 NAG F . 11.45 41.06 10.88
C2 NAG F . 12.12 42.05 9.93
C3 NAG F . 13.47 42.51 10.51
C4 NAG F . 13.29 43.05 11.92
C5 NAG F . 12.58 42.01 12.80
C6 NAG F . 12.24 42.55 14.17
C7 NAG F . 11.46 41.71 7.59
C8 NAG F . 11.79 41.03 6.30
N2 NAG F . 12.30 41.48 8.61
O3 NAG F . 14.02 43.52 9.66
O4 NAG F . 14.56 43.36 12.49
O5 NAG F . 11.33 41.64 12.19
O6 NAG F . 10.86 42.85 14.27
O7 NAG F . 10.47 42.43 7.72
O13 3PH G . 27.36 -29.08 -28.91
P 3PH G . 28.14 -27.83 -29.23
O14 3PH G . 28.58 -27.02 -28.05
O12 3PH G . 29.22 -28.03 -30.27
O11 3PH G . 27.08 -26.89 -29.96
C1 3PH G . 25.96 -26.37 -29.25
C2 3PH G . 25.69 -24.97 -29.72
O21 3PH G . 26.96 -24.31 -29.73
C21 3PH G . 26.86 -22.97 -30.26
O22 3PH G . 26.18 -22.76 -31.25
C22 3PH G . 27.59 -21.84 -29.57
C23 3PH G . 27.22 -20.51 -30.21
C24 3PH G . 26.61 -19.55 -29.20
C25 3PH G . 27.63 -19.12 -28.14
C26 3PH G . 27.29 -17.74 -27.59
C27 3PH G . 28.12 -17.42 -26.35
C28 3PH G . 27.89 -15.99 -25.88
C29 3PH G . 28.32 -15.78 -24.44
C2A 3PH G . 29.80 -16.15 -24.23
C2B 3PH G . 30.21 -15.92 -22.79
C2C 3PH G . 31.71 -16.09 -22.58
C2D 3PH G . 32.13 -17.54 -22.71
C2E 3PH G . 33.64 -17.67 -22.50
C2F 3PH G . 34.01 -17.24 -21.09
C2G 3PH G . 35.53 -17.23 -20.89
C2H 3PH G . 36.20 -16.29 -21.87
C2I 3PH G . 37.68 -16.11 -21.55
C3 3PH G . 24.85 -24.27 -28.67
O31 3PH G . 23.45 -24.34 -28.90
C31 3PH G . 22.70 -23.10 -28.82
O32 3PH G . 22.25 -22.62 -29.83
C32 3PH G . 22.52 -22.36 -27.53
C33 3PH G . 22.27 -20.89 -27.83
C34 3PH G . 22.13 -20.09 -26.53
C35 3PH G . 23.49 -19.84 -25.89
C36 3PH G . 23.32 -19.30 -24.48
C37 3PH G . 24.64 -18.77 -23.93
C38 3PH G . 25.61 -19.88 -23.56
C39 3PH G . 26.80 -19.32 -22.79
C3A 3PH G . 28.01 -20.24 -22.96
C3B 3PH G . 29.17 -19.80 -22.09
C3C 3PH G . 29.04 -20.32 -20.67
C3D 3PH G . 30.35 -20.14 -19.91
C3E 3PH G . 30.18 -20.30 -18.41
C3F 3PH G . 30.39 -18.97 -17.68
C3G 3PH G . 29.16 -18.06 -17.81
C3H 3PH G . 29.45 -16.81 -18.63
C3I 3PH G . 28.17 -16.16 -19.10
C10 HO0 H . 9.26 -17.79 -5.83
N12 HO0 H . 6.33 -17.37 -4.61
C13 HO0 H . 7.30 -16.84 -11.89
C15 HO0 H . 5.33 -15.61 -12.92
C17 HO0 H . 3.05 -16.07 -12.28
C20 HO0 H . 6.38 -14.82 -13.77
C21 HO0 H . 7.52 -14.31 -13.17
C22 HO0 H . 8.45 -13.60 -13.94
C24 HO0 H . 7.10 -13.94 -15.89
C26 HO0 H . 7.31 -15.21 -4.01
C01 HO0 H . 7.41 -17.06 -8.99
C02 HO0 H . 7.83 -16.99 -7.67
C03 HO0 H . 8.89 -17.92 -7.20
C04 HO0 H . 9.43 -18.82 -8.09
C05 HO0 H . 8.99 -18.89 -9.42
C06 HO0 H . 7.97 -18.00 -9.88
C07 HO0 H . 7.20 -15.86 -6.47
C08 HO0 H . 7.41 -16.43 -4.94
C09 HO0 H . 8.65 -17.08 -4.86
C14 HO0 H . 5.79 -16.59 -12.02
C16 HO0 H . 3.97 -15.36 -13.05
C18 HO0 H . 3.50 -17.06 -11.39
C19 HO0 H . 4.87 -17.31 -11.25
C23 HO0 H . 8.24 -13.42 -15.30
C25 HO0 H . 6.16 -14.65 -15.12
O11 HO0 H . 7.54 -18.08 -11.22
O27 HO0 H . 8.14 -14.30 -4.11
O28 HO0 H . 6.39 -15.15 -3.14
CAA Y01 I . 35.00 -15.16 -11.44
CBA Y01 I . 34.18 -15.89 -12.51
CAB Y01 I . 33.52 -14.85 -13.42
CAN Y01 I . 35.09 -16.80 -13.36
CAJ Y01 I . 34.92 -18.28 -12.95
CAO Y01 I . 36.05 -18.65 -11.96
CBB Y01 I . 35.52 -19.50 -10.79
CAC Y01 I . 34.28 -18.82 -10.21
CBE Y01 I . 36.67 -19.67 -9.81
CAP Y01 I . 36.45 -19.22 -8.43
CAQ Y01 I . 37.23 -20.20 -7.54
CBG Y01 I . 37.97 -21.18 -8.58
CBI Y01 I . 37.11 -21.20 -9.66
CAE Y01 I . 37.82 -21.72 -10.89
CAU Y01 I . 35.77 -22.05 -9.32
CAS Y01 I . 36.10 -23.46 -8.79
CBF Y01 I . 37.08 -23.42 -7.67
CBD Y01 I . 38.29 -22.74 -8.15
CAK Y01 I . 39.46 -22.90 -7.14
CAI Y01 I . 39.98 -24.42 -7.29
CAZ Y01 I . 38.82 -25.46 -7.30
CAV Y01 I . 39.22 -26.81 -6.55
CBH Y01 I . 37.45 -24.85 -6.92
CAD Y01 I . 36.38 -25.85 -7.39
CAT Y01 I . 37.29 -24.81 -5.33
CAR Y01 I . 38.38 -25.50 -4.53
CBC Y01 I . 38.77 -26.91 -5.11
OAW Y01 I . 39.78 -27.50 -4.35
CAY Y01 I . 39.30 -28.26 -3.24
OAG Y01 I . 39.10 -27.71 -2.21
CAM Y01 I . 39.06 -29.77 -3.36
CAL Y01 I . 38.16 -30.21 -2.17
CAX Y01 I . 38.69 -31.53 -1.58
OAH Y01 I . 37.89 -32.42 -1.22
OAF Y01 I . 39.92 -31.71 -1.44
CAA Y01 J . 22.41 -14.69 9.61
CBA Y01 J . 22.85 -14.56 8.16
CAB Y01 J . 21.86 -13.71 7.35
CAN Y01 J . 22.97 -15.97 7.52
CAJ Y01 J . 23.47 -15.80 6.08
CAO Y01 J . 24.28 -17.05 5.62
CBB Y01 J . 25.77 -17.07 6.10
CAC Y01 J . 26.31 -15.63 6.05
CBE Y01 J . 26.72 -17.95 5.25
CAP Y01 J . 28.09 -17.80 5.78
CAQ Y01 J . 28.78 -19.17 5.74
CBG Y01 J . 27.76 -20.04 4.87
CBI Y01 J . 26.50 -19.55 5.17
CAE Y01 J . 25.55 -20.01 4.07
CAU Y01 J . 26.06 -20.07 6.64
CAS Y01 J . 26.05 -21.62 6.71
CBF Y01 J . 27.33 -22.25 6.29
CBD Y01 J . 27.88 -21.68 5.03
CAK Y01 J . 29.37 -22.07 4.90
CAI Y01 J . 29.52 -23.68 4.76
CAZ Y01 J . 28.44 -24.54 5.45
CAV Y01 J . 29.01 -25.79 6.24
CBH Y01 J . 27.20 -23.89 6.13
CAD Y01 J . 26.04 -24.06 5.16
CAT Y01 J . 26.75 -24.68 7.45
CAR Y01 J . 26.83 -26.19 7.42
CBC Y01 J . 27.90 -26.80 6.43
OAW Y01 J . 28.43 -28.00 6.91
CAY Y01 J . 29.22 -28.75 5.98
OAG Y01 J . 30.37 -28.52 5.86
CAM Y01 J . 28.60 -29.86 5.10
CAL Y01 J . 29.25 -29.82 3.71
CAX Y01 J . 30.34 -30.88 3.56
OAH Y01 J . 30.23 -31.80 2.71
OAF Y01 J . 31.38 -30.84 4.28
#